data_3GN4
#
_entry.id   3GN4
#
_cell.length_a   51.790
_cell.length_b   118.390
_cell.length_c   182.060
_cell.angle_alpha   90.00
_cell.angle_beta   90.00
_cell.angle_gamma   90.00
#
_symmetry.space_group_name_H-M   'P 21 21 21'
#
loop_
_entity.id
_entity.type
_entity.pdbx_description
1 polymer Myosin-VI
2 polymer Calmodulin
3 non-polymer 'CALCIUM ION'
4 non-polymer 'MAGNESIUM ION'
5 water water
#
loop_
_entity_poly.entity_id
_entity_poly.type
_entity_poly.pdbx_seq_one_letter_code
_entity_poly.pdbx_strand_id
1 'polypeptide(L)'
;MKSDPDHLAELVKRVNHWLICSRWKKVQWCSLSVIKLKNKIKYRAEACIKMQKTIRMWLCKRRHKPRIDGLVKVGTLKKR
LDKFNEVVSALKDGKQEMSKQVKDLEISIDALMAKIKSTMMTREQIQKEYDALVKSSAVLLSALQKKK
;
A,E
2 'polypeptide(L)'
;MADQLTEEQIAEFKEAFSLFDKDGDGTITTKELGTVMRSLGQNPTEAELQDMINEVDADGNGTIDFPEFLTMMARKMKDT
DSEEEIREAFRVFDKDGNGFISAAELRHVMTNLGEKLTDEEVDEMIREADIDGDGQVNYEEFVTMMTSK
;
B,D,F,H
#
# COMPACT_ATOMS: atom_id res chain seq x y z
N LYS A 2 69.02 -18.06 -2.51
CA LYS A 2 69.62 -16.98 -3.28
C LYS A 2 70.19 -15.88 -2.38
N SER A 3 71.51 -15.74 -2.35
CA SER A 3 72.16 -14.74 -1.49
C SER A 3 72.92 -13.65 -2.26
N ASP A 4 73.09 -13.86 -3.57
CA ASP A 4 73.76 -12.90 -4.46
C ASP A 4 73.11 -11.51 -4.44
N PRO A 5 73.90 -10.43 -4.64
CA PRO A 5 73.33 -9.07 -4.72
C PRO A 5 72.53 -8.81 -6.01
N ASP A 6 72.79 -9.61 -7.05
CA ASP A 6 72.03 -9.53 -8.29
C ASP A 6 70.71 -10.32 -8.22
N HIS A 7 70.79 -11.57 -7.78
CA HIS A 7 69.59 -12.38 -7.58
C HIS A 7 68.62 -11.64 -6.66
N LEU A 8 69.14 -11.03 -5.60
CA LEU A 8 68.31 -10.32 -4.65
C LEU A 8 67.62 -9.10 -5.23
N ALA A 9 68.21 -8.47 -6.24
CA ALA A 9 67.55 -7.34 -6.88
C ALA A 9 66.42 -7.83 -7.79
N GLU A 10 66.66 -8.96 -8.48
CA GLU A 10 65.58 -9.60 -9.24
C GLU A 10 64.42 -9.91 -8.28
N LEU A 11 64.73 -10.50 -7.14
CA LEU A 11 63.74 -10.81 -6.13
C LEU A 11 62.88 -9.58 -5.81
N VAL A 12 63.51 -8.45 -5.52
CA VAL A 12 62.75 -7.25 -5.19
C VAL A 12 61.86 -6.80 -6.34
N LYS A 13 62.27 -7.09 -7.57
CA LYS A 13 61.41 -6.77 -8.70
C LYS A 13 60.17 -7.68 -8.73
N ARG A 14 60.40 -8.99 -8.62
CA ARG A 14 59.30 -9.96 -8.65
C ARG A 14 58.32 -9.75 -7.50
N VAL A 15 58.84 -9.46 -6.31
CA VAL A 15 57.99 -9.22 -5.16
C VAL A 15 57.18 -7.93 -5.33
N ASN A 16 57.82 -6.88 -5.85
CA ASN A 16 57.10 -5.64 -6.15
C ASN A 16 56.00 -5.81 -7.20
N HIS A 17 56.23 -6.65 -8.21
CA HIS A 17 55.20 -6.98 -9.19
C HIS A 17 54.06 -7.75 -8.55
N TRP A 18 54.40 -8.77 -7.79
CA TRP A 18 53.42 -9.61 -7.09
C TRP A 18 52.52 -8.74 -6.23
N LEU A 19 53.11 -7.79 -5.51
CA LEU A 19 52.33 -6.92 -4.62
C LEU A 19 51.32 -6.14 -5.45
N ILE A 20 51.78 -5.60 -6.57
CA ILE A 20 50.90 -4.84 -7.44
C ILE A 20 49.75 -5.72 -7.96
N CYS A 21 50.07 -6.94 -8.41
CA CYS A 21 49.02 -7.88 -8.80
C CYS A 21 48.09 -8.25 -7.65
N SER A 22 48.48 -7.92 -6.42
CA SER A 22 47.64 -8.23 -5.27
C SER A 22 46.77 -7.05 -4.88
N ARG A 23 47.22 -5.85 -5.16
CA ARG A 23 46.41 -4.69 -4.86
C ARG A 23 45.23 -4.69 -5.81
N TRP A 24 45.49 -5.12 -7.04
CA TRP A 24 44.46 -5.27 -8.07
C TRP A 24 43.41 -6.28 -7.62
N LYS A 25 43.85 -7.48 -7.27
CA LYS A 25 42.90 -8.54 -6.92
C LYS A 25 42.14 -8.20 -5.65
N LYS A 26 42.76 -7.43 -4.76
CA LYS A 26 42.05 -7.02 -3.55
C LYS A 26 40.84 -6.18 -3.90
N VAL A 27 41.01 -5.18 -4.76
CA VAL A 27 39.93 -4.27 -5.10
C VAL A 27 38.96 -4.86 -6.16
N GLN A 28 39.50 -5.69 -7.06
CA GLN A 28 38.64 -6.34 -8.03
C GLN A 28 37.68 -7.32 -7.37
N TRP A 29 38.19 -8.18 -6.49
CA TRP A 29 37.35 -9.17 -5.84
C TRP A 29 36.40 -8.49 -4.85
N CYS A 30 36.83 -7.38 -4.29
CA CYS A 30 35.92 -6.58 -3.49
C CYS A 30 34.79 -6.03 -4.38
N SER A 31 35.15 -5.65 -5.59
CA SER A 31 34.16 -5.14 -6.52
C SER A 31 33.15 -6.25 -6.83
N LEU A 32 33.65 -7.47 -6.98
CA LEU A 32 32.77 -8.60 -7.26
C LEU A 32 31.89 -8.94 -6.05
N SER A 33 32.37 -8.63 -4.85
CA SER A 33 31.59 -8.91 -3.66
C SER A 33 30.41 -7.97 -3.57
N VAL A 34 30.68 -6.68 -3.77
CA VAL A 34 29.60 -5.70 -3.79
C VAL A 34 28.54 -6.10 -4.81
N ILE A 35 28.97 -6.48 -6.01
CA ILE A 35 28.04 -6.97 -7.01
C ILE A 35 27.22 -8.14 -6.48
N LYS A 36 27.90 -9.19 -6.01
CA LYS A 36 27.18 -10.37 -5.52
C LYS A 36 26.19 -10.00 -4.42
N LEU A 37 26.60 -9.14 -3.50
CA LEU A 37 25.73 -8.71 -2.41
C LEU A 37 24.52 -7.98 -2.99
N LYS A 38 24.77 -7.10 -3.94
CA LYS A 38 23.71 -6.35 -4.60
C LYS A 38 22.66 -7.31 -5.18
N ASN A 39 23.13 -8.41 -5.74
CA ASN A 39 22.21 -9.39 -6.32
C ASN A 39 21.48 -10.25 -5.28
N LYS A 40 22.10 -10.47 -4.12
CA LYS A 40 21.44 -11.22 -3.07
C LYS A 40 20.24 -10.44 -2.56
N ILE A 41 20.38 -9.12 -2.48
CA ILE A 41 19.28 -8.29 -2.02
C ILE A 41 18.08 -8.38 -2.98
N LYS A 42 18.37 -8.38 -4.28
CA LYS A 42 17.33 -8.41 -5.30
C LYS A 42 16.72 -9.82 -5.47
N TYR A 43 17.54 -10.83 -5.19
CA TYR A 43 17.17 -12.25 -5.23
C TYR A 43 16.23 -12.53 -4.08
N ARG A 44 16.59 -12.03 -2.91
CA ARG A 44 15.75 -12.20 -1.74
C ARG A 44 14.44 -11.40 -1.81
N ALA A 45 14.47 -10.22 -2.44
CA ALA A 45 13.24 -9.43 -2.59
C ALA A 45 12.26 -10.09 -3.55
N GLU A 46 12.77 -10.61 -4.66
CA GLU A 46 11.93 -11.26 -5.66
C GLU A 46 11.25 -12.49 -5.10
N ALA A 47 11.95 -13.22 -4.22
CA ALA A 47 11.40 -14.43 -3.63
C ALA A 47 10.40 -14.06 -2.56
N CYS A 48 10.68 -12.96 -1.86
CA CYS A 48 9.76 -12.44 -0.86
C CYS A 48 8.43 -12.06 -1.51
N ILE A 49 8.50 -11.32 -2.60
CA ILE A 49 7.33 -10.87 -3.36
C ILE A 49 6.49 -12.04 -3.91
N LYS A 50 7.16 -13.13 -4.31
CA LYS A 50 6.45 -14.32 -4.75
C LYS A 50 5.67 -14.95 -3.60
N MET A 51 6.20 -14.89 -2.39
CA MET A 51 5.47 -15.43 -1.25
C MET A 51 4.32 -14.51 -0.93
N GLN A 52 4.61 -13.22 -0.94
CA GLN A 52 3.62 -12.21 -0.62
C GLN A 52 2.39 -12.28 -1.53
N LYS A 53 2.60 -12.35 -2.84
CA LYS A 53 1.48 -12.30 -3.76
C LYS A 53 0.64 -13.56 -3.64
N THR A 54 1.29 -14.69 -3.46
CA THR A 54 0.58 -15.96 -3.31
C THR A 54 -0.26 -15.97 -2.04
N ILE A 55 0.20 -15.25 -1.03
CA ILE A 55 -0.55 -15.13 0.22
C ILE A 55 -1.76 -14.20 0.06
N ARG A 56 -1.54 -13.07 -0.61
CA ARG A 56 -2.61 -12.11 -0.85
C ARG A 56 -3.71 -12.80 -1.59
N MET A 57 -3.32 -13.60 -2.58
CA MET A 57 -4.28 -14.33 -3.37
C MET A 57 -5.04 -15.34 -2.50
N TRP A 58 -4.31 -16.18 -1.80
CA TRP A 58 -4.94 -17.20 -0.96
C TRP A 58 -5.87 -16.58 0.09
N LEU A 59 -5.41 -15.52 0.77
CA LEU A 59 -6.22 -14.85 1.78
C LEU A 59 -7.54 -14.37 1.20
N CYS A 60 -7.48 -13.92 -0.04
CA CYS A 60 -8.63 -13.37 -0.73
C CYS A 60 -9.60 -14.45 -1.22
N LYS A 61 -9.07 -15.43 -1.95
CA LYS A 61 -9.85 -16.54 -2.47
C LYS A 61 -10.67 -17.24 -1.38
N ARG A 62 -10.05 -17.48 -0.23
CA ARG A 62 -10.67 -18.30 0.80
C ARG A 62 -11.81 -17.56 1.49
N ARG A 63 -11.82 -16.24 1.31
CA ARG A 63 -12.90 -15.40 1.83
C ARG A 63 -14.10 -15.41 0.88
N HIS A 64 -13.83 -15.42 -0.42
CA HIS A 64 -14.85 -15.19 -1.44
C HIS A 64 -15.30 -16.42 -2.24
N LYS A 65 -14.45 -17.43 -2.36
CA LYS A 65 -14.80 -18.60 -3.19
C LYS A 65 -16.09 -19.27 -2.69
N PRO A 66 -16.21 -19.46 -1.36
CA PRO A 66 -17.43 -19.99 -0.75
C PRO A 66 -18.66 -19.17 -1.16
N ARG A 67 -18.50 -17.86 -1.22
CA ARG A 67 -19.60 -16.96 -1.51
C ARG A 67 -19.94 -17.01 -3.00
N ILE A 68 -18.96 -17.37 -3.81
CA ILE A 68 -19.21 -17.54 -5.24
C ILE A 68 -19.91 -18.87 -5.45
N ASP A 69 -19.37 -19.90 -4.81
CA ASP A 69 -19.97 -21.22 -4.86
C ASP A 69 -21.42 -21.17 -4.39
N GLY A 70 -21.67 -20.56 -3.24
CA GLY A 70 -23.03 -20.38 -2.75
C GLY A 70 -23.87 -19.68 -3.79
N LEU A 71 -23.37 -18.57 -4.30
CA LEU A 71 -24.05 -17.83 -5.35
C LEU A 71 -24.48 -18.78 -6.44
N VAL A 72 -23.55 -19.60 -6.92
CA VAL A 72 -23.84 -20.49 -8.03
C VAL A 72 -24.95 -21.46 -7.66
N LYS A 73 -24.85 -22.07 -6.49
CA LYS A 73 -25.87 -23.01 -6.00
C LYS A 73 -27.29 -22.43 -6.05
N VAL A 74 -27.46 -21.22 -5.55
CA VAL A 74 -28.76 -20.56 -5.58
C VAL A 74 -29.12 -20.17 -7.01
N GLY A 75 -28.11 -19.80 -7.79
CA GLY A 75 -28.33 -19.42 -9.17
C GLY A 75 -28.79 -20.57 -10.05
N THR A 76 -28.35 -21.78 -9.73
CA THR A 76 -28.83 -22.95 -10.47
C THR A 76 -30.27 -23.27 -10.11
N LEU A 77 -30.55 -23.33 -8.81
CA LEU A 77 -31.90 -23.55 -8.33
C LEU A 77 -32.90 -22.73 -9.15
N LYS A 78 -32.63 -21.43 -9.24
CA LYS A 78 -33.53 -20.52 -9.97
C LYS A 78 -33.80 -21.02 -11.38
N LYS A 79 -32.75 -21.38 -12.11
CA LYS A 79 -32.90 -21.87 -13.48
C LYS A 79 -33.86 -23.06 -13.56
N ARG A 80 -33.72 -23.98 -12.61
CA ARG A 80 -34.58 -25.16 -12.55
C ARG A 80 -36.06 -24.79 -12.39
N LYS A 95 -53.77 -20.35 -14.15
CA LYS A 95 -52.76 -19.35 -14.50
C LYS A 95 -52.62 -18.28 -13.42
N GLN A 96 -53.69 -18.04 -12.67
CA GLN A 96 -53.70 -17.00 -11.65
C GLN A 96 -53.23 -17.50 -10.28
N GLU A 97 -53.48 -18.77 -10.00
CA GLU A 97 -53.17 -19.35 -8.69
C GLU A 97 -51.77 -19.98 -8.65
N MET A 98 -51.42 -20.68 -9.71
CA MET A 98 -50.13 -21.35 -9.79
C MET A 98 -48.97 -20.37 -9.96
N SER A 99 -49.15 -19.37 -10.83
CA SER A 99 -48.10 -18.39 -11.11
C SER A 99 -47.74 -17.57 -9.86
N LYS A 100 -48.75 -17.06 -9.16
CA LYS A 100 -48.54 -16.24 -7.97
C LYS A 100 -47.78 -16.98 -6.87
N GLN A 101 -47.89 -18.31 -6.85
CA GLN A 101 -47.20 -19.13 -5.85
C GLN A 101 -45.74 -19.38 -6.24
N VAL A 102 -45.46 -19.35 -7.54
CA VAL A 102 -44.11 -19.59 -8.04
C VAL A 102 -43.30 -18.32 -8.20
N LYS A 103 -43.91 -17.28 -8.79
CA LYS A 103 -43.25 -15.98 -8.84
C LYS A 103 -42.87 -15.58 -7.42
N ASP A 104 -43.60 -16.11 -6.45
CA ASP A 104 -43.32 -15.88 -5.04
C ASP A 104 -42.01 -16.55 -4.63
N LEU A 105 -41.56 -17.52 -5.41
CA LEU A 105 -40.28 -18.20 -5.16
C LEU A 105 -39.11 -17.55 -5.90
N GLU A 106 -39.29 -17.25 -7.18
CA GLU A 106 -38.24 -16.56 -7.91
C GLU A 106 -37.79 -15.36 -7.09
N ILE A 107 -38.75 -14.53 -6.72
CA ILE A 107 -38.47 -13.34 -5.94
C ILE A 107 -37.74 -13.69 -4.65
N SER A 108 -38.07 -14.84 -4.06
CA SER A 108 -37.42 -15.30 -2.84
C SER A 108 -35.98 -15.76 -3.10
N ILE A 109 -35.76 -16.29 -4.30
CA ILE A 109 -34.43 -16.70 -4.73
C ILE A 109 -33.55 -15.49 -5.03
N ASP A 110 -34.03 -14.62 -5.91
CA ASP A 110 -33.28 -13.42 -6.28
C ASP A 110 -32.95 -12.58 -5.05
N ALA A 111 -33.72 -12.76 -3.98
CA ALA A 111 -33.46 -12.11 -2.70
C ALA A 111 -32.27 -12.75 -1.98
N LEU A 112 -32.25 -14.07 -1.93
CA LEU A 112 -31.14 -14.78 -1.31
C LEU A 112 -29.87 -14.58 -2.12
N MET A 113 -30.04 -14.40 -3.42
CA MET A 113 -28.92 -14.16 -4.32
C MET A 113 -28.37 -12.75 -4.17
N ALA A 114 -29.24 -11.81 -3.84
CA ALA A 114 -28.82 -10.45 -3.61
C ALA A 114 -28.22 -10.32 -2.20
N LYS A 115 -28.66 -11.18 -1.29
CA LYS A 115 -28.13 -11.18 0.06
C LYS A 115 -26.63 -11.51 0.03
N ILE A 116 -26.27 -12.55 -0.70
CA ILE A 116 -24.87 -12.96 -0.77
C ILE A 116 -24.02 -11.91 -1.49
N LYS A 117 -24.56 -11.35 -2.57
CA LYS A 117 -23.88 -10.30 -3.33
C LYS A 117 -23.79 -8.98 -2.59
N SER A 118 -24.24 -8.93 -1.35
CA SER A 118 -24.30 -7.66 -0.64
C SER A 118 -23.83 -7.74 0.79
N THR A 119 -23.70 -8.94 1.31
CA THR A 119 -23.18 -9.14 2.66
C THR A 119 -22.40 -10.43 2.80
N MET A 120 -21.16 -10.33 3.26
CA MET A 120 -20.36 -11.52 3.54
C MET A 120 -21.10 -12.41 4.52
N MET A 121 -21.15 -13.70 4.22
CA MET A 121 -21.78 -14.66 5.12
C MET A 121 -21.15 -16.03 4.92
N THR A 122 -21.21 -16.84 5.98
CA THR A 122 -20.60 -18.14 6.01
C THR A 122 -21.27 -19.08 5.06
N ARG A 123 -20.52 -20.10 4.67
CA ARG A 123 -21.02 -21.10 3.77
C ARG A 123 -22.15 -21.75 4.49
N GLU A 124 -22.00 -21.97 5.78
CA GLU A 124 -23.07 -22.60 6.53
C GLU A 124 -24.35 -21.74 6.57
N GLN A 125 -24.22 -20.42 6.73
CA GLN A 125 -25.41 -19.58 6.72
C GLN A 125 -26.10 -19.65 5.36
N ILE A 126 -25.26 -19.63 4.33
CA ILE A 126 -25.82 -19.66 3.00
C ILE A 126 -26.54 -20.96 2.82
N GLN A 127 -25.94 -22.00 3.35
CA GLN A 127 -26.51 -23.31 3.23
C GLN A 127 -27.84 -23.41 3.92
N LYS A 128 -27.98 -22.84 5.11
CA LYS A 128 -29.29 -22.94 5.71
C LYS A 128 -30.34 -22.23 4.88
N GLU A 129 -29.97 -21.05 4.37
CA GLU A 129 -30.96 -20.33 3.57
C GLU A 129 -31.35 -21.09 2.32
N TYR A 130 -30.34 -21.69 1.69
CA TYR A 130 -30.53 -22.43 0.47
C TYR A 130 -31.42 -23.64 0.71
N ASP A 131 -31.21 -24.28 1.84
CA ASP A 131 -31.98 -25.45 2.18
C ASP A 131 -33.42 -25.02 2.32
N ALA A 132 -33.62 -23.88 2.94
CA ALA A 132 -34.99 -23.40 3.11
C ALA A 132 -35.63 -23.14 1.76
N LEU A 133 -34.87 -22.56 0.84
CA LEU A 133 -35.39 -22.31 -0.51
C LEU A 133 -35.74 -23.61 -1.24
N VAL A 134 -34.91 -24.62 -1.08
CA VAL A 134 -35.17 -25.90 -1.75
C VAL A 134 -36.44 -26.61 -1.28
N LYS A 135 -36.63 -26.64 0.02
CA LYS A 135 -37.77 -27.35 0.61
C LYS A 135 -39.08 -26.71 0.16
N SER A 136 -39.25 -25.43 0.48
CA SER A 136 -40.46 -24.70 0.10
C SER A 136 -40.69 -24.74 -1.40
N SER A 137 -39.62 -24.87 -2.16
CA SER A 137 -39.70 -24.84 -3.61
C SER A 137 -40.06 -26.21 -4.19
N ALA A 138 -39.65 -27.27 -3.50
CA ALA A 138 -39.98 -28.63 -3.91
C ALA A 138 -41.45 -28.91 -3.68
N VAL A 139 -41.99 -28.28 -2.63
CA VAL A 139 -43.40 -28.40 -2.28
C VAL A 139 -44.27 -27.63 -3.27
N LEU A 140 -43.70 -26.57 -3.85
CA LEU A 140 -44.45 -25.74 -4.81
C LEU A 140 -44.34 -26.28 -6.24
N LEU A 141 -43.37 -27.15 -6.49
CA LEU A 141 -43.21 -27.76 -7.80
C LEU A 141 -43.73 -29.19 -7.80
N SER A 142 -44.15 -29.65 -6.62
CA SER A 142 -44.75 -30.97 -6.48
C SER A 142 -46.27 -30.89 -6.55
N ALA A 143 -46.83 -29.86 -5.91
CA ALA A 143 -48.25 -29.58 -6.02
C ALA A 143 -48.59 -29.25 -7.47
N LEU A 144 -47.89 -28.27 -8.03
CA LEU A 144 -48.06 -27.88 -9.42
C LEU A 144 -47.70 -29.03 -10.36
N GLN B 4 30.98 -23.95 -7.04
CA GLN B 4 31.81 -24.24 -5.89
C GLN B 4 33.15 -23.47 -5.93
N LEU B 5 33.48 -22.84 -4.81
CA LEU B 5 34.73 -22.09 -4.67
C LEU B 5 35.95 -22.99 -4.47
N THR B 6 37.03 -22.69 -5.19
CA THR B 6 38.30 -23.35 -4.95
C THR B 6 39.01 -22.60 -3.83
N GLU B 7 40.01 -23.21 -3.20
CA GLU B 7 40.69 -22.53 -2.12
C GLU B 7 41.31 -21.21 -2.60
N GLU B 8 41.74 -21.18 -3.85
CA GLU B 8 42.35 -19.96 -4.38
C GLU B 8 41.33 -18.83 -4.40
N GLN B 9 40.11 -19.13 -4.87
CA GLN B 9 39.05 -18.13 -4.89
C GLN B 9 38.67 -17.64 -3.49
N ILE B 10 38.66 -18.54 -2.53
CA ILE B 10 38.34 -18.14 -1.17
C ILE B 10 39.38 -17.13 -0.75
N ALA B 11 40.62 -17.42 -1.11
CA ALA B 11 41.75 -16.58 -0.72
C ALA B 11 41.71 -15.21 -1.42
N GLU B 12 41.27 -15.16 -2.68
CA GLU B 12 41.04 -13.86 -3.30
C GLU B 12 39.95 -13.15 -2.51
N PHE B 13 38.92 -13.90 -2.11
CA PHE B 13 37.79 -13.34 -1.35
C PHE B 13 38.17 -12.86 0.04
N LYS B 14 39.06 -13.60 0.70
CA LYS B 14 39.51 -13.26 2.04
C LYS B 14 40.16 -11.90 2.02
N GLU B 15 40.90 -11.63 0.95
CA GLU B 15 41.55 -10.34 0.78
C GLU B 15 40.53 -9.23 0.60
N ALA B 16 39.56 -9.48 -0.28
CA ALA B 16 38.46 -8.54 -0.47
C ALA B 16 37.80 -8.23 0.88
N PHE B 17 37.61 -9.27 1.70
CA PHE B 17 37.00 -9.09 3.02
C PHE B 17 37.72 -8.03 3.85
N SER B 18 39.04 -7.95 3.72
CA SER B 18 39.80 -7.00 4.54
C SER B 18 39.43 -5.55 4.30
N LEU B 19 38.81 -5.26 3.17
CA LEU B 19 38.36 -3.89 2.88
C LEU B 19 37.09 -3.60 3.66
N PHE B 20 36.34 -4.66 3.97
CA PHE B 20 35.15 -4.54 4.81
C PHE B 20 35.58 -4.52 6.26
N ASP B 21 36.37 -5.52 6.66
CA ASP B 21 36.81 -5.68 8.03
C ASP B 21 38.11 -4.90 8.30
N LYS B 22 38.01 -3.58 8.16
CA LYS B 22 39.17 -2.68 8.22
C LYS B 22 40.03 -2.80 9.49
N ASP B 23 39.36 -2.98 10.63
CA ASP B 23 40.01 -2.98 11.93
C ASP B 23 40.66 -4.33 12.26
N GLY B 24 40.41 -5.32 11.41
CA GLY B 24 41.12 -6.58 11.50
C GLY B 24 40.62 -7.57 12.54
N ASP B 25 39.52 -7.28 13.21
CA ASP B 25 39.01 -8.20 14.22
C ASP B 25 38.36 -9.45 13.63
N GLY B 26 38.19 -9.46 12.30
CA GLY B 26 37.69 -10.64 11.62
C GLY B 26 36.17 -10.73 11.47
N THR B 27 35.48 -9.70 11.95
CA THR B 27 34.03 -9.62 11.92
C THR B 27 33.53 -8.25 11.47
N ILE B 28 32.33 -8.24 10.88
CA ILE B 28 31.67 -7.07 10.34
C ILE B 28 30.18 -6.96 10.69
N THR B 29 29.65 -5.78 10.55
CA THR B 29 28.28 -5.41 10.88
C THR B 29 27.70 -4.77 9.64
N THR B 30 26.40 -4.52 9.63
CA THR B 30 25.76 -3.93 8.48
C THR B 30 26.40 -2.60 8.15
N LYS B 31 26.96 -1.95 9.15
CA LYS B 31 27.63 -0.65 8.98
C LYS B 31 28.75 -0.72 7.91
N GLU B 32 29.66 -1.68 8.04
CA GLU B 32 30.72 -1.86 7.06
C GLU B 32 30.17 -2.40 5.75
N LEU B 33 29.08 -3.16 5.81
CA LEU B 33 28.44 -3.67 4.60
C LEU B 33 28.02 -2.51 3.74
N GLY B 34 27.34 -1.55 4.37
CA GLY B 34 26.72 -0.46 3.65
C GLY B 34 27.74 0.56 3.17
N THR B 35 28.79 0.75 3.96
CA THR B 35 29.83 1.73 3.65
C THR B 35 30.55 1.35 2.38
N VAL B 36 31.09 0.14 2.34
CA VAL B 36 31.81 -0.32 1.17
C VAL B 36 30.88 -0.35 -0.05
N MET B 37 29.73 -1.02 0.08
CA MET B 37 28.72 -1.07 -0.99
C MET B 37 28.38 0.28 -1.60
N ARG B 38 28.08 1.27 -0.75
CA ARG B 38 27.76 2.61 -1.21
C ARG B 38 28.93 3.29 -1.94
N SER B 39 30.15 3.02 -1.48
CA SER B 39 31.35 3.65 -2.04
C SER B 39 31.69 3.03 -3.38
N LEU B 40 30.99 1.95 -3.71
CA LEU B 40 31.17 1.29 -5.00
C LEU B 40 29.94 1.44 -5.87
N GLY B 41 29.05 2.37 -5.52
CA GLY B 41 27.93 2.70 -6.37
C GLY B 41 26.55 2.20 -5.97
N GLN B 42 26.47 1.23 -5.05
CA GLN B 42 25.20 0.63 -4.68
C GLN B 42 24.43 1.48 -3.66
N ASN B 43 23.13 1.19 -3.53
CA ASN B 43 22.25 1.94 -2.64
C ASN B 43 21.34 1.06 -1.79
N PRO B 44 21.95 0.20 -0.96
CA PRO B 44 21.17 -0.71 -0.14
C PRO B 44 20.51 0.06 0.99
N THR B 45 19.31 -0.35 1.36
CA THR B 45 18.65 0.26 2.49
C THR B 45 19.04 -0.50 3.75
N GLU B 46 18.88 0.14 4.90
CA GLU B 46 19.06 -0.52 6.19
C GLU B 46 18.30 -1.86 6.28
N ALA B 47 17.02 -1.85 5.92
CA ALA B 47 16.20 -3.07 5.94
C ALA B 47 16.83 -4.19 5.12
N GLU B 48 17.31 -3.84 3.94
CA GLU B 48 17.96 -4.83 3.09
C GLU B 48 19.25 -5.35 3.76
N LEU B 49 20.04 -4.46 4.36
CA LEU B 49 21.25 -4.89 5.06
C LEU B 49 20.92 -5.80 6.25
N GLN B 50 19.95 -5.40 7.07
CA GLN B 50 19.59 -6.17 8.26
C GLN B 50 19.16 -7.59 7.90
N ASP B 51 18.42 -7.73 6.79
CA ASP B 51 17.94 -9.02 6.35
C ASP B 51 19.10 -9.91 5.93
N MET B 52 19.97 -9.37 5.10
CA MET B 52 21.18 -10.06 4.67
C MET B 52 21.91 -10.69 5.85
N ILE B 53 22.06 -9.89 6.91
CA ILE B 53 22.73 -10.35 8.12
C ILE B 53 21.99 -11.51 8.75
N ASN B 54 20.71 -11.30 9.04
CA ASN B 54 19.87 -12.32 9.65
C ASN B 54 20.06 -13.72 9.08
N GLU B 55 20.16 -13.84 7.75
CA GLU B 55 20.31 -15.13 7.10
C GLU B 55 21.52 -15.92 7.63
N VAL B 56 22.61 -15.22 7.94
CA VAL B 56 23.84 -15.89 8.30
C VAL B 56 24.34 -15.60 9.70
N ASP B 57 23.72 -14.63 10.37
CA ASP B 57 24.10 -14.29 11.73
C ASP B 57 23.60 -15.32 12.71
N ALA B 58 24.26 -16.49 12.73
CA ALA B 58 23.81 -17.61 13.54
C ALA B 58 23.59 -17.29 15.01
N ASP B 59 24.58 -16.68 15.64
CA ASP B 59 24.53 -16.43 17.09
C ASP B 59 23.76 -15.16 17.45
N GLY B 60 23.09 -14.56 16.46
CA GLY B 60 22.31 -13.36 16.66
C GLY B 60 23.06 -12.18 17.23
N ASN B 61 24.39 -12.15 17.09
CA ASN B 61 25.18 -11.04 17.62
C ASN B 61 24.99 -9.76 16.82
N GLY B 62 24.44 -9.88 15.62
CA GLY B 62 24.39 -8.75 14.69
C GLY B 62 25.71 -8.65 13.96
N THR B 63 26.70 -9.38 14.48
CA THR B 63 28.04 -9.43 13.93
C THR B 63 28.21 -10.71 13.12
N ILE B 64 29.02 -10.66 12.07
CA ILE B 64 29.31 -11.86 11.27
C ILE B 64 30.80 -11.95 10.90
N ASP B 65 31.21 -13.13 10.44
CA ASP B 65 32.61 -13.39 10.15
C ASP B 65 32.80 -13.85 8.72
N PHE B 66 34.02 -14.26 8.37
CA PHE B 66 34.35 -14.53 6.97
C PHE B 66 33.56 -15.67 6.31
N PRO B 67 33.42 -16.83 6.97
CA PRO B 67 32.62 -17.90 6.35
C PRO B 67 31.17 -17.48 6.14
N GLU B 68 30.62 -16.76 7.11
CA GLU B 68 29.26 -16.26 7.01
C GLU B 68 29.16 -15.26 5.87
N PHE B 69 30.13 -14.35 5.81
CA PHE B 69 30.20 -13.36 4.74
C PHE B 69 30.17 -14.00 3.36
N LEU B 70 30.80 -15.16 3.23
CA LEU B 70 30.80 -15.87 1.96
C LEU B 70 29.47 -16.55 1.62
N THR B 71 28.80 -17.11 2.62
CA THR B 71 27.54 -17.78 2.38
C THR B 71 26.52 -16.72 2.03
N MET B 72 26.63 -15.58 2.70
CA MET B 72 25.81 -14.42 2.40
C MET B 72 25.84 -14.05 0.92
N MET B 73 26.98 -14.19 0.26
CA MET B 73 27.04 -13.90 -1.17
C MET B 73 26.55 -15.03 -2.10
N ALA B 74 26.03 -16.10 -1.53
CA ALA B 74 25.65 -17.25 -2.33
C ALA B 74 24.15 -17.26 -2.63
N ARG B 75 23.80 -17.90 -3.75
CA ARG B 75 22.42 -18.04 -4.20
C ARG B 75 22.42 -18.94 -5.44
N LYS B 76 21.28 -19.54 -5.76
CA LYS B 76 21.17 -20.32 -6.98
C LYS B 76 21.28 -19.37 -8.17
N MET B 77 22.36 -19.46 -8.94
CA MET B 77 22.55 -18.54 -10.04
C MET B 77 22.13 -19.17 -11.35
N LYS B 78 21.94 -18.34 -12.37
CA LYS B 78 21.56 -18.82 -13.69
C LYS B 78 22.80 -19.27 -14.46
N ASP B 79 22.62 -19.56 -15.74
CA ASP B 79 23.74 -19.92 -16.61
C ASP B 79 24.67 -18.73 -16.79
N THR B 80 24.15 -17.67 -17.38
CA THR B 80 24.95 -16.51 -17.76
C THR B 80 25.28 -15.57 -16.60
N ASP B 81 24.96 -15.97 -15.37
CA ASP B 81 25.08 -15.05 -14.24
C ASP B 81 26.51 -14.79 -13.77
N SER B 82 27.34 -15.81 -13.68
CA SER B 82 28.73 -15.61 -13.28
C SER B 82 29.44 -14.61 -14.19
N GLU B 83 29.35 -14.86 -15.50
CA GLU B 83 29.98 -14.01 -16.48
C GLU B 83 29.46 -12.59 -16.42
N GLU B 84 28.16 -12.44 -16.15
CA GLU B 84 27.54 -11.13 -16.09
C GLU B 84 28.05 -10.34 -14.87
N GLU B 85 28.29 -11.03 -13.77
CA GLU B 85 28.81 -10.39 -12.56
C GLU B 85 30.23 -9.88 -12.76
N ILE B 86 31.07 -10.66 -13.45
CA ILE B 86 32.41 -10.20 -13.76
C ILE B 86 32.31 -8.90 -14.59
N ARG B 87 31.32 -8.85 -15.46
CA ARG B 87 31.13 -7.69 -16.34
C ARG B 87 30.70 -6.48 -15.55
N GLU B 88 29.81 -6.66 -14.59
CA GLU B 88 29.40 -5.55 -13.73
C GLU B 88 30.53 -5.11 -12.81
N ALA B 89 31.40 -6.06 -12.45
CA ALA B 89 32.54 -5.74 -11.59
C ALA B 89 33.47 -4.85 -12.38
N PHE B 90 33.68 -5.20 -13.65
CA PHE B 90 34.39 -4.35 -14.58
C PHE B 90 33.78 -2.94 -14.62
N ARG B 91 32.46 -2.88 -14.83
CA ARG B 91 31.81 -1.59 -15.06
C ARG B 91 31.74 -0.72 -13.81
N VAL B 92 32.23 -1.26 -12.70
CA VAL B 92 32.35 -0.47 -11.47
C VAL B 92 33.59 0.40 -11.57
N PHE B 93 34.55 -0.06 -12.37
CA PHE B 93 35.77 0.68 -12.68
C PHE B 93 35.53 1.53 -13.94
N ASP B 94 35.20 0.85 -15.03
CA ASP B 94 34.82 1.46 -16.29
C ASP B 94 33.43 2.01 -15.99
N LYS B 95 33.41 3.02 -15.13
CA LYS B 95 32.22 3.79 -14.76
C LYS B 95 31.57 4.54 -15.92
N ASP B 96 32.36 4.96 -16.90
CA ASP B 96 31.84 5.77 -18.00
C ASP B 96 31.56 4.91 -19.23
N GLY B 97 31.75 3.61 -19.06
CA GLY B 97 31.32 2.62 -20.01
C GLY B 97 31.93 2.67 -21.38
N ASN B 98 33.19 3.07 -21.49
CA ASN B 98 33.82 3.07 -22.81
C ASN B 98 34.52 1.73 -23.16
N GLY B 99 34.49 0.79 -22.21
CA GLY B 99 35.11 -0.50 -22.41
C GLY B 99 36.56 -0.56 -21.97
N PHE B 100 37.03 0.53 -21.36
CA PHE B 100 38.42 0.63 -20.91
C PHE B 100 38.52 1.31 -19.56
N ILE B 101 39.36 0.76 -18.69
CA ILE B 101 39.65 1.45 -17.45
C ILE B 101 40.91 2.31 -17.63
N SER B 102 40.79 3.59 -17.30
CA SER B 102 41.90 4.51 -17.40
C SER B 102 42.41 4.77 -16.00
N ALA B 103 43.50 5.52 -15.90
CA ALA B 103 44.09 5.80 -14.60
C ALA B 103 43.12 6.60 -13.73
N ALA B 104 42.54 7.66 -14.29
CA ALA B 104 41.62 8.48 -13.51
C ALA B 104 40.54 7.59 -12.90
N GLU B 105 40.03 6.66 -13.72
CA GLU B 105 38.99 5.76 -13.28
C GLU B 105 39.47 4.79 -12.22
N LEU B 106 40.71 4.31 -12.34
CA LEU B 106 41.22 3.42 -11.31
C LEU B 106 41.31 4.16 -9.99
N ARG B 107 41.80 5.39 -10.03
CA ARG B 107 41.98 6.15 -8.80
C ARG B 107 40.65 6.48 -8.16
N HIS B 108 39.62 6.63 -8.98
CA HIS B 108 38.33 6.97 -8.43
C HIS B 108 37.88 5.87 -7.48
N VAL B 109 37.95 4.64 -7.96
CA VAL B 109 37.64 3.49 -7.15
C VAL B 109 38.59 3.35 -5.94
N MET B 110 39.89 3.52 -6.17
CA MET B 110 40.87 3.37 -5.09
C MET B 110 40.60 4.38 -3.98
N THR B 111 40.11 5.55 -4.36
CA THR B 111 39.84 6.60 -3.38
C THR B 111 38.56 6.30 -2.61
N ASN B 112 37.52 5.86 -3.31
CA ASN B 112 36.30 5.47 -2.63
C ASN B 112 36.53 4.37 -1.60
N LEU B 113 37.33 3.38 -1.98
CA LEU B 113 37.68 2.29 -1.08
C LEU B 113 38.70 2.76 -0.03
N GLY B 114 39.27 3.94 -0.24
CA GLY B 114 40.15 4.54 0.74
C GLY B 114 41.62 4.15 0.64
N GLU B 115 41.98 3.42 -0.42
CA GLU B 115 43.37 3.10 -0.68
C GLU B 115 44.18 4.39 -0.85
N LYS B 116 45.32 4.48 -0.16
CA LYS B 116 46.17 5.64 -0.27
C LYS B 116 47.36 5.35 -1.19
N LEU B 117 47.47 6.10 -2.28
CA LEU B 117 48.59 5.89 -3.19
C LEU B 117 48.88 7.11 -4.04
N THR B 118 50.09 7.16 -4.57
CA THR B 118 50.55 8.29 -5.35
C THR B 118 50.15 8.05 -6.78
N ASP B 119 50.07 9.12 -7.54
CA ASP B 119 49.72 9.02 -8.94
C ASP B 119 50.68 8.06 -9.66
N GLU B 120 51.92 7.99 -9.20
CA GLU B 120 52.92 7.15 -9.87
C GLU B 120 52.62 5.67 -9.63
N GLU B 121 52.07 5.37 -8.47
CA GLU B 121 51.68 4.00 -8.18
C GLU B 121 50.50 3.58 -9.03
N VAL B 122 49.51 4.46 -9.16
CA VAL B 122 48.35 4.17 -10.00
C VAL B 122 48.78 3.78 -11.42
N ASP B 123 49.79 4.47 -11.94
CA ASP B 123 50.34 4.17 -13.26
C ASP B 123 51.13 2.87 -13.24
N GLU B 124 51.72 2.55 -12.10
CA GLU B 124 52.37 1.27 -11.93
C GLU B 124 51.30 0.20 -12.13
N MET B 125 50.12 0.48 -11.62
CA MET B 125 49.01 -0.46 -11.67
C MET B 125 48.47 -0.59 -13.08
N ILE B 126 48.26 0.52 -13.78
CA ILE B 126 47.78 0.44 -15.15
C ILE B 126 48.80 -0.35 -15.99
N ARG B 127 50.07 0.01 -15.85
CA ARG B 127 51.15 -0.60 -16.62
C ARG B 127 51.22 -2.12 -16.44
N GLU B 128 51.06 -2.59 -15.21
CA GLU B 128 51.14 -4.03 -14.93
C GLU B 128 50.00 -4.85 -15.54
N ALA B 129 48.85 -4.23 -15.73
CA ALA B 129 47.69 -4.93 -16.27
C ALA B 129 47.55 -4.70 -17.77
N ASP B 130 48.19 -3.63 -18.24
CA ASP B 130 48.03 -3.19 -19.63
C ASP B 130 48.83 -4.04 -20.61
N ILE B 131 48.45 -5.30 -20.79
CA ILE B 131 49.19 -6.17 -21.68
C ILE B 131 49.33 -5.63 -23.10
N ASP B 132 48.21 -5.30 -23.73
CA ASP B 132 48.22 -4.83 -25.12
C ASP B 132 48.87 -3.43 -25.31
N GLY B 133 49.27 -2.82 -24.19
CA GLY B 133 49.98 -1.56 -24.22
C GLY B 133 49.32 -0.40 -24.93
N ASP B 134 48.22 0.09 -24.39
CA ASP B 134 47.55 1.28 -24.92
C ASP B 134 47.24 2.33 -23.85
N GLY B 135 47.71 2.10 -22.62
CA GLY B 135 47.53 3.06 -21.53
C GLY B 135 46.20 2.92 -20.80
N GLN B 136 45.42 1.94 -21.24
CA GLN B 136 44.11 1.67 -20.69
C GLN B 136 44.06 0.22 -20.25
N VAL B 137 42.92 -0.21 -19.72
CA VAL B 137 42.73 -1.60 -19.33
C VAL B 137 41.40 -2.07 -19.89
N ASN B 138 41.43 -2.96 -20.89
CA ASN B 138 40.20 -3.51 -21.43
C ASN B 138 39.69 -4.67 -20.57
N TYR B 139 38.57 -5.24 -20.96
CA TYR B 139 37.91 -6.27 -20.15
C TYR B 139 38.70 -7.56 -20.12
N GLU B 140 39.31 -7.91 -21.23
CA GLU B 140 40.12 -9.12 -21.29
C GLU B 140 41.25 -9.04 -20.29
N GLU B 141 42.03 -7.96 -20.35
CA GLU B 141 43.15 -7.78 -19.43
C GLU B 141 42.76 -7.68 -17.97
N PHE B 142 41.66 -7.00 -17.68
CA PHE B 142 41.21 -6.87 -16.32
C PHE B 142 40.88 -8.25 -15.80
N VAL B 143 40.24 -9.06 -16.64
CA VAL B 143 39.94 -10.41 -16.24
C VAL B 143 41.19 -11.24 -16.02
N THR B 144 42.17 -11.07 -16.88
CA THR B 144 43.39 -11.83 -16.72
C THR B 144 44.03 -11.48 -15.41
N MET B 145 44.03 -10.20 -15.07
CA MET B 145 44.60 -9.79 -13.82
C MET B 145 43.87 -10.36 -12.63
N MET B 146 42.54 -10.37 -12.70
CA MET B 146 41.77 -10.87 -11.60
C MET B 146 42.06 -12.32 -11.39
N THR B 147 42.18 -13.04 -12.49
CA THR B 147 42.52 -14.45 -12.46
C THR B 147 43.91 -14.77 -11.92
N SER B 148 44.89 -13.95 -12.28
CA SER B 148 46.25 -14.16 -11.84
C SER B 148 46.32 -15.09 -10.66
N GLN C 4 -10.66 -16.29 -27.34
CA GLN C 4 -9.39 -16.94 -27.03
C GLN C 4 -9.39 -17.62 -25.67
N LEU C 5 -10.58 -18.02 -25.21
CA LEU C 5 -10.71 -18.70 -23.94
C LEU C 5 -11.91 -19.65 -23.94
N THR C 6 -11.71 -20.83 -23.35
CA THR C 6 -12.72 -21.88 -23.32
C THR C 6 -14.08 -21.38 -22.88
N GLU C 7 -15.12 -21.77 -23.61
CA GLU C 7 -16.48 -21.44 -23.25
C GLU C 7 -16.72 -21.78 -21.79
N GLU C 8 -16.22 -22.94 -21.35
CA GLU C 8 -16.33 -23.33 -19.95
C GLU C 8 -15.57 -22.36 -19.03
N GLN C 9 -14.46 -21.81 -19.54
CA GLN C 9 -13.66 -20.88 -18.77
C GLN C 9 -14.36 -19.54 -18.62
N ILE C 10 -14.61 -18.88 -19.74
CA ILE C 10 -15.30 -17.60 -19.75
C ILE C 10 -16.53 -17.64 -18.85
N ALA C 11 -17.15 -18.81 -18.77
CA ALA C 11 -18.34 -19.00 -17.93
C ALA C 11 -18.01 -18.93 -16.45
N GLU C 12 -16.97 -19.64 -16.02
CA GLU C 12 -16.57 -19.60 -14.62
C GLU C 12 -16.18 -18.19 -14.18
N PHE C 13 -15.54 -17.45 -15.07
CA PHE C 13 -15.12 -16.09 -14.74
C PHE C 13 -16.34 -15.20 -14.49
N LYS C 14 -17.30 -15.23 -15.43
CA LYS C 14 -18.54 -14.48 -15.27
C LYS C 14 -19.23 -14.86 -13.97
N GLU C 15 -19.20 -16.15 -13.64
CA GLU C 15 -19.72 -16.59 -12.35
C GLU C 15 -19.11 -15.75 -11.22
N ALA C 16 -17.80 -15.53 -11.30
CA ALA C 16 -17.07 -14.82 -10.26
C ALA C 16 -17.19 -13.31 -10.40
N PHE C 17 -17.03 -12.82 -11.63
CA PHE C 17 -17.17 -11.39 -11.92
C PHE C 17 -18.52 -10.85 -11.48
N SER C 18 -19.53 -11.72 -11.44
CA SER C 18 -20.89 -11.29 -11.16
C SER C 18 -21.21 -11.23 -9.67
N LEU C 19 -20.33 -11.76 -8.83
CA LEU C 19 -20.50 -11.63 -7.39
C LEU C 19 -20.26 -10.19 -6.95
N PHE C 20 -19.42 -9.49 -7.70
CA PHE C 20 -18.99 -8.16 -7.31
C PHE C 20 -19.72 -7.07 -8.08
N ASP C 21 -20.29 -7.42 -9.23
CA ASP C 21 -21.10 -6.48 -9.99
C ASP C 21 -22.57 -6.56 -9.58
N LYS C 22 -22.91 -5.94 -8.44
CA LYS C 22 -24.24 -6.04 -7.87
C LYS C 22 -25.33 -5.56 -8.83
N ASP C 23 -25.07 -4.47 -9.54
CA ASP C 23 -26.07 -3.84 -10.40
C ASP C 23 -26.36 -4.62 -11.69
N GLY C 24 -25.36 -5.31 -12.20
CA GLY C 24 -25.55 -6.14 -13.37
C GLY C 24 -25.21 -5.49 -14.70
N ASP C 25 -24.60 -4.30 -14.62
CA ASP C 25 -24.21 -3.59 -15.84
C ASP C 25 -22.93 -4.16 -16.46
N GLY C 26 -22.53 -5.34 -15.99
CA GLY C 26 -21.30 -5.95 -16.45
C GLY C 26 -20.14 -5.02 -16.19
N THR C 27 -20.21 -4.29 -15.09
CA THR C 27 -19.12 -3.39 -14.69
C THR C 27 -18.80 -3.52 -13.21
N ILE C 28 -17.51 -3.48 -12.87
CA ILE C 28 -17.05 -3.40 -11.49
C ILE C 28 -16.04 -2.28 -11.32
N THR C 29 -15.61 -2.05 -10.09
CA THR C 29 -14.65 -1.00 -9.79
C THR C 29 -13.22 -1.51 -9.95
N THR C 30 -12.31 -0.60 -10.29
CA THR C 30 -10.93 -1.00 -10.52
C THR C 30 -10.33 -1.70 -9.30
N LYS C 31 -10.75 -1.31 -8.11
CA LYS C 31 -10.22 -1.97 -6.92
C LYS C 31 -10.67 -3.44 -6.86
N GLU C 32 -11.83 -3.73 -7.46
CA GLU C 32 -12.36 -5.08 -7.38
C GLU C 32 -11.63 -6.04 -8.32
N LEU C 33 -10.94 -5.48 -9.32
CA LEU C 33 -10.17 -6.29 -10.26
C LEU C 33 -9.30 -7.34 -9.58
N GLY C 34 -8.56 -6.93 -8.57
CA GLY C 34 -7.66 -7.83 -7.87
C GLY C 34 -8.41 -8.91 -7.10
N THR C 35 -9.55 -8.53 -6.55
CA THR C 35 -10.36 -9.46 -5.78
C THR C 35 -10.93 -10.56 -6.66
N VAL C 36 -11.26 -10.23 -7.91
CA VAL C 36 -11.82 -11.24 -8.79
C VAL C 36 -10.73 -12.17 -9.32
N MET C 37 -9.68 -11.60 -9.88
CA MET C 37 -8.50 -12.38 -10.30
C MET C 37 -8.05 -13.34 -9.21
N ARG C 38 -7.92 -12.85 -7.98
CA ARG C 38 -7.45 -13.66 -6.87
C ARG C 38 -8.42 -14.80 -6.48
N SER C 39 -9.71 -14.51 -6.47
CA SER C 39 -10.70 -15.55 -6.23
C SER C 39 -10.59 -16.65 -7.29
N LEU C 40 -10.34 -16.27 -8.54
CA LEU C 40 -10.20 -17.23 -9.62
C LEU C 40 -8.87 -17.99 -9.57
N GLY C 41 -8.09 -17.72 -8.54
CA GLY C 41 -6.83 -18.42 -8.32
C GLY C 41 -5.61 -17.82 -9.01
N GLN C 42 -5.68 -16.54 -9.35
CA GLN C 42 -4.54 -15.84 -9.92
C GLN C 42 -3.81 -15.04 -8.85
N ASN C 43 -2.53 -14.78 -9.07
CA ASN C 43 -1.70 -14.18 -8.05
C ASN C 43 -0.73 -13.14 -8.59
N PRO C 44 -1.27 -12.01 -9.07
CA PRO C 44 -0.38 -10.92 -9.49
C PRO C 44 0.23 -10.20 -8.30
N THR C 45 1.22 -9.38 -8.59
CA THR C 45 1.85 -8.57 -7.57
C THR C 45 1.10 -7.25 -7.57
N GLU C 46 1.22 -6.50 -6.47
CA GLU C 46 0.60 -5.19 -6.41
C GLU C 46 1.05 -4.31 -7.59
N ALA C 47 2.30 -4.43 -8.00
CA ALA C 47 2.80 -3.60 -9.09
C ALA C 47 2.13 -4.02 -10.39
N GLU C 48 1.96 -5.32 -10.57
CA GLU C 48 1.28 -5.83 -11.76
C GLU C 48 -0.17 -5.38 -11.83
N LEU C 49 -0.82 -5.32 -10.67
CA LEU C 49 -2.20 -4.85 -10.59
C LEU C 49 -2.28 -3.39 -11.02
N GLN C 50 -1.41 -2.58 -10.43
CA GLN C 50 -1.35 -1.16 -10.72
C GLN C 50 -1.09 -0.90 -12.19
N ASP C 51 -0.40 -1.82 -12.85
CA ASP C 51 -0.14 -1.71 -14.27
C ASP C 51 -1.38 -2.01 -15.08
N MET C 52 -2.12 -3.02 -14.67
CA MET C 52 -3.35 -3.40 -15.33
C MET C 52 -4.35 -2.25 -15.26
N ILE C 53 -4.37 -1.58 -14.12
CA ILE C 53 -5.29 -0.48 -13.91
C ILE C 53 -4.86 0.80 -14.65
N ASN C 54 -3.56 1.04 -14.72
CA ASN C 54 -3.04 2.21 -15.40
C ASN C 54 -3.16 2.17 -16.91
N GLU C 55 -3.68 1.06 -17.45
CA GLU C 55 -3.79 0.94 -18.90
C GLU C 55 -5.23 0.70 -19.32
N VAL C 56 -6.13 0.76 -18.35
CA VAL C 56 -7.53 0.45 -18.59
C VAL C 56 -8.35 1.51 -17.87
N ASP C 57 -7.64 2.47 -17.29
CA ASP C 57 -8.26 3.51 -16.49
C ASP C 57 -7.67 4.87 -16.86
N ALA C 58 -7.42 5.05 -18.16
CA ALA C 58 -6.94 6.33 -18.65
C ALA C 58 -7.94 7.45 -18.36
N ASP C 59 -9.23 7.13 -18.44
CA ASP C 59 -10.28 8.14 -18.27
C ASP C 59 -10.61 8.44 -16.80
N GLY C 60 -9.94 7.75 -15.88
CA GLY C 60 -10.11 8.01 -14.45
C GLY C 60 -11.48 7.68 -13.89
N ASN C 61 -12.22 6.81 -14.58
CA ASN C 61 -13.56 6.44 -14.16
C ASN C 61 -13.56 5.35 -13.10
N GLY C 62 -12.51 4.54 -13.09
CA GLY C 62 -12.39 3.50 -12.10
C GLY C 62 -13.39 2.38 -12.31
N THR C 63 -13.78 2.14 -13.56
CA THR C 63 -14.60 0.97 -13.87
C THR C 63 -13.89 -0.03 -14.76
N ILE C 64 -14.24 -1.30 -14.57
CA ILE C 64 -13.71 -2.40 -15.36
C ILE C 64 -14.92 -3.20 -15.79
N ASP C 65 -15.07 -3.45 -17.08
CA ASP C 65 -16.18 -4.29 -17.54
C ASP C 65 -15.69 -5.66 -17.93
N PHE C 66 -16.60 -6.63 -17.92
CA PHE C 66 -16.28 -8.02 -18.22
C PHE C 66 -15.29 -8.23 -19.37
N PRO C 67 -15.60 -7.66 -20.56
CA PRO C 67 -14.63 -7.78 -21.65
C PRO C 67 -13.19 -7.54 -21.20
N GLU C 68 -12.92 -6.35 -20.70
CA GLU C 68 -11.58 -5.96 -20.24
C GLU C 68 -11.04 -6.94 -19.21
N PHE C 69 -11.91 -7.36 -18.30
CA PHE C 69 -11.50 -8.30 -17.27
C PHE C 69 -11.03 -9.63 -17.87
N LEU C 70 -11.65 -10.03 -18.97
CA LEU C 70 -11.25 -11.26 -19.66
C LEU C 70 -9.88 -11.06 -20.30
N THR C 71 -9.71 -9.93 -20.99
CA THR C 71 -8.42 -9.60 -21.59
C THR C 71 -7.28 -9.73 -20.57
N MET C 72 -7.50 -9.17 -19.38
CA MET C 72 -6.53 -9.26 -18.30
C MET C 72 -6.34 -10.70 -17.82
N MET C 73 -7.43 -11.43 -17.63
CA MET C 73 -7.35 -12.81 -17.17
C MET C 73 -6.65 -13.72 -18.18
N ALA C 74 -6.47 -13.23 -19.41
CA ALA C 74 -5.80 -14.02 -20.42
C ALA C 74 -4.31 -13.67 -20.52
N ARG C 75 -3.97 -12.41 -20.30
CA ARG C 75 -2.57 -12.02 -20.23
C ARG C 75 -1.90 -12.66 -19.01
N LYS C 76 -2.53 -12.50 -17.85
CA LYS C 76 -1.98 -13.02 -16.61
C LYS C 76 -1.78 -14.53 -16.68
N MET C 77 -2.70 -15.21 -17.36
CA MET C 77 -2.67 -16.66 -17.46
C MET C 77 -1.54 -17.21 -18.32
N LYS C 78 -0.96 -16.36 -19.17
CA LYS C 78 0.12 -16.77 -20.04
C LYS C 78 1.50 -16.63 -19.40
N ASP C 79 1.54 -16.01 -18.22
CA ASP C 79 2.79 -15.81 -17.51
C ASP C 79 2.59 -16.14 -16.03
N THR C 80 2.48 -17.43 -15.73
CA THR C 80 2.09 -17.86 -14.38
C THR C 80 3.07 -18.79 -13.67
N ASP C 81 3.33 -18.48 -12.41
CA ASP C 81 4.24 -19.25 -11.56
C ASP C 81 3.69 -20.60 -11.15
N SER C 82 4.45 -21.66 -11.40
CA SER C 82 4.07 -23.01 -10.99
C SER C 82 4.22 -23.18 -9.47
N GLU C 83 3.60 -24.23 -8.93
CA GLU C 83 3.67 -24.50 -7.50
C GLU C 83 5.13 -24.69 -7.08
N GLU C 84 5.90 -25.34 -7.95
CA GLU C 84 7.34 -25.48 -7.76
C GLU C 84 7.99 -24.15 -7.48
N GLU C 85 7.80 -23.20 -8.41
CA GLU C 85 8.42 -21.89 -8.29
C GLU C 85 8.10 -21.24 -6.95
N ILE C 86 6.83 -21.23 -6.56
CA ILE C 86 6.46 -20.60 -5.30
C ILE C 86 7.09 -21.30 -4.10
N ARG C 87 7.24 -22.63 -4.19
CA ARG C 87 7.89 -23.36 -3.11
C ARG C 87 9.36 -22.96 -3.07
N GLU C 88 9.97 -22.93 -4.26
CA GLU C 88 11.34 -22.47 -4.36
C GLU C 88 11.52 -21.09 -3.73
N ALA C 89 10.55 -20.19 -3.93
CA ALA C 89 10.67 -18.86 -3.36
C ALA C 89 10.72 -18.93 -1.83
N PHE C 90 9.82 -19.73 -1.25
CA PHE C 90 9.87 -20.00 0.19
C PHE C 90 11.22 -20.57 0.60
N ARG C 91 11.69 -21.58 -0.11
CA ARG C 91 12.98 -22.22 0.21
C ARG C 91 14.09 -21.19 0.43
N VAL C 92 14.09 -20.12 -0.36
CA VAL C 92 15.11 -19.09 -0.22
C VAL C 92 15.33 -18.67 1.25
N PHE C 93 14.26 -18.70 2.05
CA PHE C 93 14.31 -18.24 3.46
C PHE C 93 14.43 -19.34 4.50
N ASP C 94 14.84 -20.51 4.02
CA ASP C 94 15.11 -21.67 4.85
C ASP C 94 16.61 -21.78 5.14
N LYS C 95 17.07 -21.12 6.20
CA LYS C 95 18.49 -21.10 6.56
C LYS C 95 19.17 -22.47 6.44
N ASP C 96 18.48 -23.51 6.90
CA ASP C 96 19.10 -24.82 7.08
C ASP C 96 18.63 -25.93 6.14
N GLY C 97 17.69 -25.62 5.26
CA GLY C 97 17.21 -26.63 4.34
C GLY C 97 16.21 -27.61 4.92
N ASN C 98 15.87 -27.47 6.21
CA ASN C 98 14.96 -28.42 6.87
C ASN C 98 13.65 -28.65 6.11
N GLY C 99 13.10 -27.59 5.53
CA GLY C 99 11.78 -27.64 4.90
C GLY C 99 10.83 -26.91 5.82
N PHE C 100 11.45 -26.22 6.79
CA PHE C 100 10.74 -25.51 7.85
C PHE C 100 11.36 -24.14 8.05
N ILE C 101 10.51 -23.13 8.23
CA ILE C 101 10.95 -21.81 8.63
C ILE C 101 10.14 -21.40 9.85
N SER C 102 10.73 -20.64 10.76
CA SER C 102 9.98 -20.19 11.93
C SER C 102 9.00 -19.09 11.55
N ALA C 103 7.80 -19.15 12.12
CA ALA C 103 6.80 -18.11 11.93
C ALA C 103 7.43 -16.71 12.00
N ALA C 104 8.21 -16.45 13.05
CA ALA C 104 8.79 -15.13 13.25
C ALA C 104 9.68 -14.70 12.09
N GLU C 105 10.47 -15.64 11.57
CA GLU C 105 11.31 -15.38 10.41
C GLU C 105 10.48 -14.95 9.20
N LEU C 106 9.36 -15.64 9.00
CA LEU C 106 8.46 -15.31 7.92
C LEU C 106 7.86 -13.92 8.12
N ARG C 107 7.51 -13.60 9.37
CA ARG C 107 6.85 -12.33 9.66
C ARG C 107 7.78 -11.18 9.37
N HIS C 108 9.05 -11.38 9.67
CA HIS C 108 10.01 -10.29 9.49
C HIS C 108 10.29 -10.02 8.02
N VAL C 109 10.64 -11.06 7.28
CA VAL C 109 10.85 -10.91 5.85
C VAL C 109 9.69 -10.17 5.20
N MET C 110 8.48 -10.63 5.48
CA MET C 110 7.31 -10.21 4.74
C MET C 110 6.66 -8.90 5.22
N THR C 111 6.90 -8.50 6.46
CA THR C 111 6.45 -7.18 6.86
C THR C 111 7.53 -6.11 6.64
N ASN C 112 8.70 -6.50 6.14
CA ASN C 112 9.79 -5.54 5.93
C ASN C 112 10.43 -5.50 4.55
N LEU C 113 10.24 -6.54 3.74
CA LEU C 113 10.76 -6.54 2.38
C LEU C 113 9.66 -6.66 1.35
N GLY C 114 10.02 -6.49 0.10
CA GLY C 114 9.11 -6.66 -1.01
C GLY C 114 7.96 -5.74 -0.94
N GLU C 115 6.78 -6.19 -1.32
CA GLU C 115 5.63 -5.37 -1.15
C GLU C 115 5.12 -5.84 0.16
N LYS C 116 5.33 -5.04 1.19
CA LYS C 116 5.08 -5.49 2.54
C LYS C 116 3.65 -5.79 2.90
N LEU C 117 3.47 -6.89 3.61
CA LEU C 117 2.24 -7.28 4.26
C LEU C 117 1.99 -6.59 5.56
N THR C 118 0.75 -6.50 5.99
CA THR C 118 0.46 -5.96 7.28
C THR C 118 0.69 -7.01 8.31
N ASP C 119 0.86 -6.61 9.54
CA ASP C 119 0.99 -7.62 10.57
C ASP C 119 -0.24 -8.52 10.67
N GLU C 120 -1.42 -7.95 10.47
CA GLU C 120 -2.67 -8.69 10.62
C GLU C 120 -2.88 -9.73 9.52
N GLU C 121 -2.49 -9.40 8.30
CA GLU C 121 -2.52 -10.38 7.22
C GLU C 121 -1.60 -11.57 7.56
N VAL C 122 -0.40 -11.27 8.05
CA VAL C 122 0.52 -12.32 8.46
C VAL C 122 -0.04 -13.13 9.62
N ASP C 123 -0.69 -12.45 10.58
CA ASP C 123 -1.34 -13.13 11.68
C ASP C 123 -2.26 -14.22 11.14
N GLU C 124 -3.01 -13.88 10.10
CA GLU C 124 -3.98 -14.79 9.53
C GLU C 124 -3.31 -15.99 8.89
N MET C 125 -2.19 -15.77 8.23
CA MET C 125 -1.44 -16.86 7.63
C MET C 125 -0.81 -17.79 8.68
N ILE C 126 -0.18 -17.22 9.69
CA ILE C 126 0.40 -18.04 10.74
C ILE C 126 -0.67 -18.95 11.36
N ARG C 127 -1.88 -18.42 11.49
CA ARG C 127 -2.95 -19.19 12.11
C ARG C 127 -3.20 -20.45 11.32
N GLU C 128 -2.94 -20.39 10.01
CA GLU C 128 -3.17 -21.53 9.13
C GLU C 128 -1.91 -22.33 8.90
N ALA C 129 -0.78 -21.63 8.82
CA ALA C 129 0.48 -22.24 8.40
C ALA C 129 1.27 -22.89 9.54
N ASP C 130 0.85 -22.62 10.77
CA ASP C 130 1.50 -23.22 11.94
C ASP C 130 0.38 -23.69 12.85
N ILE C 131 -0.48 -24.52 12.26
CA ILE C 131 -1.65 -25.05 12.94
C ILE C 131 -1.29 -25.61 14.31
N ASP C 132 -0.13 -26.26 14.39
CA ASP C 132 0.26 -26.98 15.58
C ASP C 132 0.94 -26.09 16.61
N GLY C 133 1.02 -24.80 16.31
CA GLY C 133 1.42 -23.81 17.28
C GLY C 133 2.84 -23.88 17.82
N ASP C 134 3.69 -24.68 17.17
CA ASP C 134 5.10 -24.75 17.58
C ASP C 134 5.92 -23.59 17.00
N GLY C 135 5.24 -22.66 16.35
CA GLY C 135 5.89 -21.50 15.76
C GLY C 135 6.87 -21.86 14.65
N GLN C 136 6.55 -22.92 13.91
CA GLN C 136 7.40 -23.43 12.83
C GLN C 136 6.52 -23.88 11.69
N VAL C 137 6.73 -23.30 10.51
CA VAL C 137 5.93 -23.63 9.33
C VAL C 137 6.65 -24.54 8.35
N ASN C 138 5.97 -25.61 7.96
CA ASN C 138 6.39 -26.46 6.85
C ASN C 138 5.84 -25.84 5.58
N TYR C 139 6.68 -25.10 4.85
CA TYR C 139 6.18 -24.34 3.70
C TYR C 139 5.75 -25.19 2.52
N GLU C 140 6.33 -26.39 2.37
CA GLU C 140 5.96 -27.24 1.24
C GLU C 140 4.49 -27.61 1.33
N GLU C 141 4.01 -27.83 2.54
CA GLU C 141 2.61 -28.18 2.78
C GLU C 141 1.71 -26.96 2.66
N PHE C 142 2.15 -25.85 3.23
CA PHE C 142 1.39 -24.60 3.16
C PHE C 142 1.23 -24.12 1.72
N VAL C 143 2.22 -24.39 0.88
CA VAL C 143 2.15 -23.97 -0.52
C VAL C 143 1.25 -24.86 -1.37
N THR C 144 1.29 -26.17 -1.11
CA THR C 144 0.39 -27.08 -1.81
C THR C 144 -1.04 -26.65 -1.50
N MET C 145 -1.26 -26.32 -0.23
CA MET C 145 -2.58 -25.90 0.23
C MET C 145 -3.05 -24.63 -0.48
N MET C 146 -2.28 -23.55 -0.35
CA MET C 146 -2.60 -22.28 -1.01
C MET C 146 -2.95 -22.44 -2.47
N THR C 147 -2.19 -23.28 -3.15
CA THR C 147 -2.27 -23.37 -4.60
C THR C 147 -3.17 -24.52 -5.04
N SER C 148 -3.90 -25.11 -4.10
CA SER C 148 -4.86 -26.17 -4.44
C SER C 148 -6.21 -25.61 -4.90
N ASP D 6 -49.20 46.19 -26.67
CA ASP D 6 -48.71 47.18 -25.71
C ASP D 6 -48.74 46.63 -24.29
N HIS D 7 -49.95 46.51 -23.73
CA HIS D 7 -50.10 45.86 -22.43
C HIS D 7 -49.64 44.42 -22.59
N LEU D 8 -49.65 43.94 -23.84
CA LEU D 8 -49.27 42.58 -24.18
C LEU D 8 -47.78 42.46 -24.50
N ALA D 9 -47.21 43.47 -25.14
CA ALA D 9 -45.77 43.47 -25.37
C ALA D 9 -45.05 43.58 -24.03
N GLU D 10 -45.75 44.13 -23.05
CA GLU D 10 -45.21 44.31 -21.70
C GLU D 10 -45.03 42.97 -20.98
N LEU D 11 -46.04 42.12 -21.05
CA LEU D 11 -45.96 40.77 -20.50
C LEU D 11 -44.93 39.96 -21.28
N VAL D 12 -44.99 40.00 -22.61
CA VAL D 12 -43.99 39.31 -23.44
C VAL D 12 -42.57 39.73 -23.06
N LYS D 13 -42.40 40.99 -22.70
CA LYS D 13 -41.11 41.45 -22.24
C LYS D 13 -40.76 40.74 -20.95
N ARG D 14 -41.68 40.78 -19.99
CA ARG D 14 -41.43 40.18 -18.69
C ARG D 14 -41.18 38.68 -18.76
N VAL D 15 -41.93 37.95 -19.59
CA VAL D 15 -41.76 36.50 -19.60
C VAL D 15 -40.43 36.10 -20.22
N ASN D 16 -39.97 36.89 -21.20
CA ASN D 16 -38.68 36.64 -21.80
C ASN D 16 -37.55 36.96 -20.82
N HIS D 17 -37.75 38.00 -20.01
CA HIS D 17 -36.81 38.30 -18.94
C HIS D 17 -36.74 37.13 -17.97
N TRP D 18 -37.90 36.70 -17.50
CA TRP D 18 -37.99 35.64 -16.50
C TRP D 18 -37.43 34.34 -17.05
N LEU D 19 -37.69 34.08 -18.32
CA LEU D 19 -37.25 32.86 -18.97
C LEU D 19 -35.72 32.80 -19.02
N ILE D 20 -35.12 33.85 -19.57
CA ILE D 20 -33.67 33.97 -19.66
C ILE D 20 -33.01 33.79 -18.31
N CYS D 21 -33.52 34.48 -17.30
CA CYS D 21 -33.03 34.35 -15.92
C CYS D 21 -33.15 32.91 -15.45
N SER D 22 -34.22 32.25 -15.87
CA SER D 22 -34.48 30.88 -15.49
C SER D 22 -33.36 29.97 -16.02
N ARG D 23 -32.97 30.20 -17.27
CA ARG D 23 -31.99 29.36 -17.94
C ARG D 23 -30.59 29.56 -17.35
N TRP D 24 -30.35 30.76 -16.83
CA TRP D 24 -29.13 31.02 -16.08
C TRP D 24 -29.13 30.21 -14.79
N LYS D 25 -30.14 30.44 -13.96
CA LYS D 25 -30.22 29.80 -12.65
C LYS D 25 -30.14 28.29 -12.74
N LYS D 26 -30.62 27.74 -13.85
CA LYS D 26 -30.64 26.29 -14.04
C LYS D 26 -29.23 25.71 -14.26
N VAL D 27 -28.46 26.34 -15.15
CA VAL D 27 -27.10 25.89 -15.40
C VAL D 27 -26.13 26.36 -14.30
N GLN D 28 -26.46 27.46 -13.63
CA GLN D 28 -25.65 27.90 -12.49
C GLN D 28 -25.85 26.96 -11.31
N TRP D 29 -27.10 26.65 -10.99
CA TRP D 29 -27.38 25.83 -9.82
C TRP D 29 -26.97 24.38 -10.03
N CYS D 30 -26.91 23.95 -11.29
CA CYS D 30 -26.37 22.64 -11.61
C CYS D 30 -24.85 22.66 -11.42
N SER D 31 -24.22 23.77 -11.79
CA SER D 31 -22.81 23.95 -11.53
C SER D 31 -22.56 23.78 -10.02
N LEU D 32 -23.40 24.44 -9.21
CA LEU D 32 -23.26 24.39 -7.77
C LEU D 32 -23.57 23.00 -7.22
N SER D 33 -24.46 22.29 -7.89
CA SER D 33 -24.76 20.92 -7.52
C SER D 33 -23.49 20.08 -7.59
N VAL D 34 -22.81 20.20 -8.72
CA VAL D 34 -21.63 19.43 -9.01
C VAL D 34 -20.51 19.77 -8.02
N ILE D 35 -20.33 21.05 -7.72
CA ILE D 35 -19.33 21.47 -6.75
C ILE D 35 -19.60 20.85 -5.40
N LYS D 36 -20.87 20.79 -5.01
CA LYS D 36 -21.22 20.23 -3.72
C LYS D 36 -20.90 18.74 -3.70
N LEU D 37 -21.23 18.06 -4.79
CA LEU D 37 -21.01 16.61 -4.89
C LEU D 37 -19.51 16.29 -4.86
N LYS D 38 -18.74 17.11 -5.55
CA LYS D 38 -17.29 16.98 -5.58
C LYS D 38 -16.73 17.13 -4.15
N ASN D 39 -17.29 18.09 -3.41
CA ASN D 39 -16.85 18.32 -2.05
C ASN D 39 -17.32 17.23 -1.09
N LYS D 40 -18.44 16.57 -1.41
CA LYS D 40 -18.95 15.49 -0.59
C LYS D 40 -18.07 14.24 -0.69
N ILE D 41 -17.70 13.87 -1.92
CA ILE D 41 -16.72 12.83 -2.15
C ILE D 41 -15.48 13.08 -1.31
N LYS D 42 -14.94 14.28 -1.45
CA LYS D 42 -13.73 14.70 -0.75
C LYS D 42 -13.93 14.70 0.77
N TYR D 43 -15.12 15.08 1.19
CA TYR D 43 -15.44 15.21 2.61
C TYR D 43 -15.64 13.83 3.27
N ARG D 44 -16.06 12.85 2.48
CA ARG D 44 -16.20 11.50 3.01
C ARG D 44 -14.85 10.78 3.03
N ALA D 45 -14.05 11.05 2.01
CA ALA D 45 -12.72 10.45 1.93
C ALA D 45 -11.93 10.90 3.14
N GLU D 46 -12.07 12.18 3.48
CA GLU D 46 -11.26 12.74 4.55
C GLU D 46 -11.69 12.21 5.91
N ALA D 47 -12.98 11.93 6.04
CA ALA D 47 -13.52 11.34 7.25
C ALA D 47 -13.05 9.90 7.39
N CYS D 48 -13.09 9.18 6.27
CA CYS D 48 -12.66 7.79 6.24
C CYS D 48 -11.20 7.71 6.63
N ILE D 49 -10.37 8.53 6.00
CA ILE D 49 -8.93 8.56 6.27
C ILE D 49 -8.61 8.79 7.76
N LYS D 50 -9.28 9.74 8.37
CA LYS D 50 -9.14 9.96 9.82
C LYS D 50 -9.50 8.69 10.59
N MET D 51 -10.53 7.99 10.15
CA MET D 51 -10.91 6.74 10.80
C MET D 51 -9.81 5.72 10.60
N GLN D 52 -9.37 5.59 9.36
CA GLN D 52 -8.37 4.61 8.98
C GLN D 52 -7.04 4.84 9.70
N LYS D 53 -6.61 6.09 9.77
CA LYS D 53 -5.29 6.38 10.33
C LYS D 53 -5.27 6.04 11.80
N THR D 54 -6.42 6.22 12.44
CA THR D 54 -6.54 5.94 13.86
C THR D 54 -6.54 4.44 14.14
N ILE D 55 -7.40 3.71 13.44
CA ILE D 55 -7.40 2.26 13.51
C ILE D 55 -6.00 1.69 13.31
N ARG D 56 -5.28 2.21 12.32
CA ARG D 56 -3.92 1.75 12.05
C ARG D 56 -3.05 1.95 13.29
N MET D 57 -3.16 3.12 13.90
CA MET D 57 -2.35 3.45 15.05
C MET D 57 -2.62 2.49 16.20
N TRP D 58 -3.89 2.16 16.36
CA TRP D 58 -4.32 1.34 17.48
C TRP D 58 -3.93 -0.12 17.31
N LEU D 59 -4.04 -0.63 16.09
CA LEU D 59 -3.66 -2.01 15.82
C LEU D 59 -2.19 -2.19 16.13
N CYS D 60 -1.44 -1.12 15.85
CA CYS D 60 0.00 -1.09 16.00
C CYS D 60 0.39 -0.97 17.47
N LYS D 61 -0.28 -0.06 18.17
CA LYS D 61 -0.01 0.19 19.58
C LYS D 61 -0.27 -1.05 20.42
N ARG D 62 -1.43 -1.68 20.22
CA ARG D 62 -1.84 -2.84 20.99
C ARG D 62 -0.93 -4.05 20.80
N ARG D 63 -0.15 -4.06 19.73
CA ARG D 63 0.73 -5.19 19.45
C ARG D 63 2.11 -4.99 20.09
N HIS D 64 2.50 -3.73 20.23
CA HIS D 64 3.87 -3.37 20.61
C HIS D 64 4.02 -2.69 21.97
N LYS D 65 2.94 -2.16 22.54
CA LYS D 65 3.05 -1.55 23.86
C LYS D 65 3.21 -2.60 24.95
N PRO D 66 2.69 -3.81 24.72
CA PRO D 66 2.98 -4.83 25.73
C PRO D 66 4.47 -5.15 25.78
N ARG D 67 5.12 -5.16 24.63
CA ARG D 67 6.55 -5.47 24.58
C ARG D 67 7.35 -4.34 25.22
N ILE D 68 7.09 -3.10 24.81
CA ILE D 68 7.80 -1.95 25.37
C ILE D 68 7.66 -1.89 26.88
N ASP D 69 6.46 -2.18 27.39
CA ASP D 69 6.24 -2.27 28.82
C ASP D 69 7.14 -3.33 29.43
N GLY D 70 7.09 -4.54 28.86
CA GLY D 70 7.89 -5.65 29.33
C GLY D 70 9.38 -5.35 29.31
N LEU D 71 9.87 -4.88 28.18
CA LEU D 71 11.27 -4.54 28.02
C LEU D 71 11.75 -3.58 29.11
N VAL D 72 10.86 -2.72 29.56
CA VAL D 72 11.23 -1.73 30.59
C VAL D 72 11.21 -2.34 32.00
N LYS D 73 10.30 -3.28 32.24
CA LYS D 73 10.28 -3.98 33.51
C LYS D 73 11.56 -4.81 33.71
N VAL D 74 11.95 -5.54 32.67
CA VAL D 74 13.17 -6.33 32.70
C VAL D 74 14.38 -5.41 32.83
N GLY D 75 14.27 -4.22 32.28
CA GLY D 75 15.33 -3.23 32.39
C GLY D 75 15.46 -2.65 33.78
N THR D 76 14.40 -2.74 34.57
CA THR D 76 14.42 -2.23 35.93
C THR D 76 15.23 -3.17 36.82
N LEU D 77 15.18 -4.46 36.49
CA LEU D 77 15.99 -5.44 37.18
C LEU D 77 17.48 -5.13 37.04
N LYS D 78 17.90 -4.70 35.85
CA LYS D 78 19.30 -4.32 35.61
C LYS D 78 19.82 -3.34 36.67
N MET D 98 31.27 -16.91 42.99
CA MET D 98 30.15 -16.01 43.27
C MET D 98 29.91 -15.03 42.14
N SER D 99 31.00 -14.53 41.55
CA SER D 99 30.93 -13.61 40.41
C SER D 99 30.34 -14.32 39.20
N LYS D 100 30.66 -15.60 39.03
CA LYS D 100 30.09 -16.40 37.96
C LYS D 100 28.57 -16.49 38.08
N GLN D 101 28.07 -16.33 39.31
CA GLN D 101 26.64 -16.44 39.59
C GLN D 101 25.87 -15.14 39.33
N VAL D 102 26.51 -14.01 39.62
CA VAL D 102 25.92 -12.70 39.33
C VAL D 102 25.95 -12.39 37.83
N LYS D 103 27.06 -12.72 37.18
CA LYS D 103 27.18 -12.51 35.73
C LYS D 103 26.32 -13.52 34.97
N ASP D 104 26.02 -14.65 35.58
CA ASP D 104 25.16 -15.61 34.90
C ASP D 104 23.78 -15.01 34.74
N LEU D 105 23.29 -14.42 35.84
CA LEU D 105 21.98 -13.78 35.85
C LEU D 105 21.82 -12.59 34.92
N GLU D 106 22.83 -11.74 34.86
CA GLU D 106 22.74 -10.59 33.98
C GLU D 106 22.65 -11.04 32.54
N ILE D 107 23.45 -12.05 32.22
CA ILE D 107 23.46 -12.58 30.87
C ILE D 107 22.11 -13.14 30.55
N SER D 108 21.52 -13.83 31.53
CA SER D 108 20.20 -14.39 31.31
C SER D 108 19.15 -13.31 31.05
N ILE D 109 19.21 -12.21 31.81
CA ILE D 109 18.24 -11.14 31.59
C ILE D 109 18.42 -10.59 30.21
N ASP D 110 19.66 -10.43 29.80
CA ASP D 110 19.95 -9.87 28.49
C ASP D 110 19.39 -10.76 27.39
N ALA D 111 19.51 -12.07 27.57
CA ALA D 111 18.99 -12.97 26.55
C ALA D 111 17.49 -12.76 26.38
N LEU D 112 16.80 -12.49 27.49
CA LEU D 112 15.36 -12.26 27.48
C LEU D 112 15.00 -10.96 26.77
N MET D 113 15.59 -9.85 27.21
CA MET D 113 15.43 -8.57 26.55
C MET D 113 15.67 -8.73 25.05
N ALA D 114 16.68 -9.51 24.70
CA ALA D 114 16.94 -9.82 23.29
C ALA D 114 15.79 -10.64 22.71
N LYS D 115 15.39 -11.69 23.41
CA LYS D 115 14.24 -12.49 23.00
C LYS D 115 13.07 -11.56 22.71
N ILE D 116 12.87 -10.60 23.60
CA ILE D 116 11.78 -9.63 23.47
C ILE D 116 11.89 -8.78 22.19
N LYS D 117 13.07 -8.21 21.94
CA LYS D 117 13.26 -7.43 20.73
C LYS D 117 13.07 -8.28 19.46
N SER D 118 13.69 -9.46 19.46
CA SER D 118 13.78 -10.28 18.26
C SER D 118 12.55 -11.15 18.03
N THR D 119 11.67 -11.21 19.03
CA THR D 119 10.52 -12.10 18.98
C THR D 119 9.22 -11.40 19.32
N MET D 120 8.14 -11.80 18.67
CA MET D 120 6.83 -11.25 18.99
C MET D 120 6.26 -12.09 20.13
N MET D 121 5.91 -11.44 21.23
CA MET D 121 5.32 -12.16 22.38
C MET D 121 4.38 -11.30 23.22
N THR D 122 3.42 -11.94 23.89
CA THR D 122 2.35 -11.24 24.60
C THR D 122 2.74 -10.75 25.98
N ARG D 123 1.85 -9.98 26.61
CA ARG D 123 2.05 -9.50 27.97
C ARG D 123 2.07 -10.69 28.92
N GLU D 124 1.34 -11.74 28.56
CA GLU D 124 1.30 -12.96 29.34
C GLU D 124 2.63 -13.69 29.24
N GLN D 125 3.15 -13.78 28.02
CA GLN D 125 4.40 -14.53 27.78
C GLN D 125 5.60 -13.87 28.44
N ILE D 126 5.72 -12.56 28.28
CA ILE D 126 6.82 -11.82 28.89
C ILE D 126 6.74 -11.91 30.40
N GLN D 127 5.53 -11.75 30.92
CA GLN D 127 5.29 -11.83 32.36
C GLN D 127 5.78 -13.16 32.93
N LYS D 128 5.75 -14.20 32.11
CA LYS D 128 6.11 -15.55 32.56
C LYS D 128 7.60 -15.71 32.87
N GLU D 129 8.45 -15.31 31.92
CA GLU D 129 9.89 -15.47 32.08
C GLU D 129 10.51 -14.35 32.92
N TYR D 130 9.68 -13.37 33.28
CA TYR D 130 10.09 -12.28 34.17
C TYR D 130 9.68 -12.56 35.61
N ASP D 131 8.61 -13.33 35.77
CA ASP D 131 8.26 -13.86 37.09
C ASP D 131 9.26 -14.95 37.43
N ALA D 132 9.72 -15.65 36.39
CA ALA D 132 10.71 -16.72 36.53
C ALA D 132 12.14 -16.16 36.53
N LEU D 133 12.26 -14.84 36.47
CA LEU D 133 13.56 -14.18 36.58
C LEU D 133 13.56 -13.28 37.82
N VAL D 134 12.44 -13.29 38.55
CA VAL D 134 12.35 -12.61 39.84
C VAL D 134 12.46 -13.63 40.98
N LYS D 135 12.12 -14.88 40.68
CA LYS D 135 12.32 -15.97 41.63
C LYS D 135 13.81 -16.12 41.90
N SER D 136 14.61 -15.95 40.86
CA SER D 136 16.06 -16.03 40.98
C SER D 136 16.62 -14.70 41.48
N SER D 137 15.73 -13.72 41.66
CA SER D 137 16.10 -12.42 42.22
C SER D 137 16.24 -12.48 43.73
N ALA D 138 15.27 -13.10 44.39
CA ALA D 138 15.32 -13.29 45.83
C ALA D 138 16.18 -14.51 46.19
N VAL D 139 16.26 -15.45 45.26
CA VAL D 139 17.00 -16.70 45.48
C VAL D 139 18.51 -16.49 45.59
N LEU D 140 19.06 -15.64 44.72
CA LEU D 140 20.49 -15.35 44.74
C LEU D 140 20.81 -14.30 45.80
N LEU D 141 19.90 -14.15 46.77
CA LEU D 141 20.16 -13.36 47.97
C LEU D 141 20.67 -14.27 49.08
N ASP E 3 -26.51 28.02 6.28
CA ASP E 3 -27.94 28.26 6.32
C ASP E 3 -28.75 26.96 6.28
N GLN E 4 -30.07 27.10 6.29
CA GLN E 4 -30.99 25.99 6.03
C GLN E 4 -31.66 26.29 4.69
N LEU E 5 -32.26 25.28 4.06
CA LEU E 5 -32.79 25.46 2.71
C LEU E 5 -34.14 26.17 2.64
N THR E 6 -34.16 27.33 1.99
CA THR E 6 -35.39 28.06 1.76
C THR E 6 -36.26 27.30 0.77
N GLU E 7 -37.55 27.64 0.71
CA GLU E 7 -38.46 27.01 -0.25
C GLU E 7 -38.00 27.38 -1.65
N GLU E 8 -37.21 28.45 -1.72
CA GLU E 8 -36.75 29.00 -2.99
C GLU E 8 -35.42 28.38 -3.46
N GLN E 9 -34.58 28.01 -2.50
CA GLN E 9 -33.34 27.32 -2.84
C GLN E 9 -33.65 25.93 -3.37
N ILE E 10 -34.60 25.25 -2.73
CA ILE E 10 -35.04 23.95 -3.20
C ILE E 10 -35.57 24.08 -4.62
N ALA E 11 -36.37 25.12 -4.84
CA ALA E 11 -36.89 25.42 -6.17
C ALA E 11 -35.78 25.48 -7.21
N GLU E 12 -34.68 26.14 -6.87
CA GLU E 12 -33.58 26.29 -7.81
C GLU E 12 -32.93 24.94 -8.10
N PHE E 13 -32.61 24.21 -7.04
CA PHE E 13 -32.01 22.90 -7.14
C PHE E 13 -32.91 21.93 -7.89
N LYS E 14 -34.21 22.07 -7.71
CA LYS E 14 -35.18 21.27 -8.45
C LYS E 14 -35.01 21.52 -9.96
N GLU E 15 -34.65 22.74 -10.34
CA GLU E 15 -34.42 22.99 -11.76
C GLU E 15 -33.10 22.41 -12.24
N ALA E 16 -32.05 22.56 -11.42
CA ALA E 16 -30.78 21.91 -11.69
C ALA E 16 -30.93 20.39 -11.78
N PHE E 17 -31.69 19.82 -10.85
CA PHE E 17 -31.85 18.37 -10.81
C PHE E 17 -32.42 17.80 -12.09
N SER E 18 -33.17 18.62 -12.82
CA SER E 18 -33.76 18.18 -14.08
C SER E 18 -32.67 17.86 -15.12
N LEU E 19 -31.48 18.41 -14.91
CA LEU E 19 -30.37 18.20 -15.83
C LEU E 19 -29.70 16.86 -15.61
N PHE E 20 -29.82 16.34 -14.39
CA PHE E 20 -29.38 14.99 -14.09
C PHE E 20 -30.45 14.01 -14.61
N ASP E 21 -31.70 14.28 -14.23
CA ASP E 21 -32.82 13.39 -14.52
C ASP E 21 -33.46 13.75 -15.86
N LYS E 22 -32.78 13.42 -16.95
CA LYS E 22 -33.20 13.86 -18.28
C LYS E 22 -34.47 13.15 -18.74
N ASP E 23 -34.60 11.87 -18.42
CA ASP E 23 -35.78 11.11 -18.78
C ASP E 23 -36.98 11.46 -17.91
N GLY E 24 -36.83 12.49 -17.09
CA GLY E 24 -37.95 13.05 -16.33
C GLY E 24 -38.69 12.13 -15.38
N ASP E 25 -38.17 10.94 -15.13
CA ASP E 25 -38.87 9.98 -14.26
C ASP E 25 -38.78 10.31 -12.77
N GLY E 26 -37.99 11.32 -12.45
CA GLY E 26 -37.80 11.72 -11.07
C GLY E 26 -36.76 10.94 -10.31
N THR E 27 -36.08 10.01 -10.96
CA THR E 27 -35.06 9.22 -10.30
C THR E 27 -33.73 9.17 -11.06
N ILE E 28 -32.65 9.10 -10.31
CA ILE E 28 -31.31 9.02 -10.85
C ILE E 28 -30.47 7.94 -10.17
N THR E 29 -29.45 7.53 -10.89
CA THR E 29 -28.51 6.48 -10.56
C THR E 29 -27.11 7.04 -10.77
N THR E 30 -26.11 6.34 -10.30
CA THR E 30 -24.74 6.82 -10.44
C THR E 30 -24.42 7.13 -11.90
N LYS E 31 -25.13 6.53 -12.85
CA LYS E 31 -24.85 6.82 -14.26
C LYS E 31 -25.02 8.31 -14.56
N GLU E 32 -26.19 8.86 -14.24
CA GLU E 32 -26.48 10.26 -14.53
C GLU E 32 -25.61 11.20 -13.69
N LEU E 33 -25.19 10.73 -12.52
CA LEU E 33 -24.37 11.53 -11.62
C LEU E 33 -22.96 11.73 -12.17
N GLY E 34 -22.41 10.67 -12.75
CA GLY E 34 -21.07 10.73 -13.27
C GLY E 34 -21.06 11.56 -14.53
N THR E 35 -22.07 11.33 -15.36
CA THR E 35 -22.13 12.00 -16.65
C THR E 35 -22.17 13.52 -16.48
N VAL E 36 -23.07 14.00 -15.64
CA VAL E 36 -23.18 15.43 -15.42
C VAL E 36 -21.88 16.01 -14.87
N MET E 37 -21.40 15.40 -13.77
CA MET E 37 -20.18 15.88 -13.12
C MET E 37 -19.00 15.96 -14.07
N ARG E 38 -18.83 14.93 -14.89
CA ARG E 38 -17.77 14.91 -15.87
C ARG E 38 -17.98 15.95 -16.94
N SER E 39 -19.24 16.19 -17.30
CA SER E 39 -19.53 17.17 -18.33
C SER E 39 -19.08 18.56 -17.85
N LEU E 40 -18.99 18.71 -16.53
CA LEU E 40 -18.59 19.96 -15.92
C LEU E 40 -17.18 19.94 -15.32
N GLY E 41 -16.34 19.04 -15.82
CA GLY E 41 -14.93 19.04 -15.47
C GLY E 41 -14.47 18.20 -14.29
N GLN E 42 -15.40 17.57 -13.57
CA GLN E 42 -15.04 16.74 -12.43
C GLN E 42 -14.64 15.33 -12.85
N ASN E 43 -13.98 14.60 -11.94
CA ASN E 43 -13.44 13.28 -12.24
C ASN E 43 -13.68 12.21 -11.17
N PRO E 44 -14.95 11.99 -10.80
CA PRO E 44 -15.28 11.04 -9.74
C PRO E 44 -15.15 9.61 -10.22
N THR E 45 -14.86 8.70 -9.30
CA THR E 45 -14.73 7.28 -9.65
C THR E 45 -16.02 6.56 -9.30
N GLU E 46 -16.23 5.40 -9.94
CA GLU E 46 -17.41 4.60 -9.64
C GLU E 46 -17.48 4.26 -8.14
N ALA E 47 -16.34 4.02 -7.51
CA ALA E 47 -16.32 3.71 -6.09
C ALA E 47 -16.86 4.89 -5.30
N GLU E 48 -16.42 6.08 -5.68
CA GLU E 48 -16.87 7.30 -5.00
C GLU E 48 -18.36 7.63 -5.26
N LEU E 49 -18.86 7.36 -6.47
CA LEU E 49 -20.27 7.61 -6.77
C LEU E 49 -21.16 6.59 -6.08
N GLN E 50 -20.72 5.32 -6.12
CA GLN E 50 -21.48 4.25 -5.51
C GLN E 50 -21.58 4.54 -4.03
N ASP E 51 -20.58 5.23 -3.49
CA ASP E 51 -20.58 5.53 -2.07
C ASP E 51 -21.60 6.60 -1.66
N MET E 52 -21.64 7.72 -2.37
CA MET E 52 -22.60 8.76 -2.04
C MET E 52 -24.04 8.30 -2.20
N ILE E 53 -24.28 7.51 -3.24
CA ILE E 53 -25.57 6.88 -3.42
C ILE E 53 -25.96 6.04 -2.19
N ASN E 54 -25.07 5.12 -1.77
CA ASN E 54 -25.34 4.28 -0.60
C ASN E 54 -25.79 5.09 0.61
N GLU E 55 -25.32 6.32 0.71
CA GLU E 55 -25.67 7.11 1.88
C GLU E 55 -27.14 7.49 1.94
N VAL E 56 -27.75 7.77 0.79
CA VAL E 56 -29.15 8.23 0.76
C VAL E 56 -30.16 7.26 0.14
N ASP E 57 -29.67 6.28 -0.61
CA ASP E 57 -30.51 5.28 -1.24
C ASP E 57 -31.14 4.40 -0.15
N ALA E 58 -32.14 4.94 0.53
CA ALA E 58 -32.77 4.30 1.69
C ALA E 58 -33.33 2.91 1.41
N ASP E 59 -33.73 2.65 0.17
CA ASP E 59 -34.33 1.36 -0.18
C ASP E 59 -33.35 0.43 -0.90
N GLY E 60 -32.11 0.90 -1.08
CA GLY E 60 -31.08 0.10 -1.72
C GLY E 60 -31.45 -0.41 -3.11
N ASN E 61 -32.17 0.40 -3.88
CA ASN E 61 -32.53 0.00 -5.23
C ASN E 61 -31.47 0.43 -6.22
N GLY E 62 -30.58 1.31 -5.78
CA GLY E 62 -29.57 1.87 -6.66
C GLY E 62 -29.99 3.15 -7.37
N THR E 63 -31.28 3.50 -7.29
CA THR E 63 -31.75 4.81 -7.78
C THR E 63 -32.14 5.72 -6.61
N ILE E 64 -32.09 7.03 -6.83
CA ILE E 64 -32.55 7.99 -5.82
C ILE E 64 -33.49 9.06 -6.40
N ASP E 65 -34.26 9.70 -5.54
CA ASP E 65 -35.17 10.75 -5.99
C ASP E 65 -34.67 12.12 -5.60
N PHE E 66 -35.48 13.16 -5.82
CA PHE E 66 -34.98 14.52 -5.64
C PHE E 66 -34.64 14.87 -4.18
N PRO E 67 -35.49 14.48 -3.22
CA PRO E 67 -35.17 14.82 -1.82
C PRO E 67 -33.85 14.19 -1.37
N GLU E 68 -33.59 12.97 -1.86
CA GLU E 68 -32.40 12.21 -1.52
C GLU E 68 -31.18 12.85 -2.17
N PHE E 69 -31.39 13.42 -3.35
CA PHE E 69 -30.33 14.11 -4.07
C PHE E 69 -29.90 15.34 -3.28
N LEU E 70 -30.87 16.05 -2.71
CA LEU E 70 -30.57 17.17 -1.84
C LEU E 70 -29.68 16.74 -0.68
N THR E 71 -30.18 15.81 0.14
CA THR E 71 -29.48 15.39 1.36
C THR E 71 -28.05 14.97 1.03
N MET E 72 -27.91 14.29 -0.10
CA MET E 72 -26.62 13.86 -0.56
C MET E 72 -25.60 15.01 -0.64
N MET E 73 -26.07 16.22 -0.90
CA MET E 73 -25.16 17.35 -1.05
C MET E 73 -24.86 17.98 0.31
N ALA E 74 -25.54 17.52 1.35
CA ALA E 74 -25.39 18.10 2.67
C ALA E 74 -24.13 17.61 3.36
N ARG E 75 -23.47 18.52 4.07
CA ARG E 75 -22.35 18.16 4.93
C ARG E 75 -22.14 19.29 5.92
N LYS E 76 -21.51 19.00 7.06
CA LYS E 76 -21.09 20.06 7.97
C LYS E 76 -20.14 20.95 7.17
N MET E 77 -20.38 22.26 7.19
CA MET E 77 -19.54 23.14 6.40
C MET E 77 -18.88 24.22 7.25
N LYS E 78 -17.58 24.43 7.01
CA LYS E 78 -16.91 25.58 7.55
C LYS E 78 -17.63 26.78 6.98
N ASP E 79 -17.83 27.79 7.83
CA ASP E 79 -18.40 29.08 7.44
C ASP E 79 -17.96 29.57 6.05
N THR E 80 -16.68 29.39 5.75
CA THR E 80 -16.06 29.90 4.54
C THR E 80 -16.44 29.11 3.26
N ASP E 81 -16.79 27.84 3.40
CA ASP E 81 -17.03 26.99 2.24
C ASP E 81 -18.12 27.51 1.32
N SER E 82 -19.22 27.99 1.89
CA SER E 82 -20.35 28.42 1.08
C SER E 82 -19.94 29.42 0.00
N GLU E 83 -19.39 30.55 0.42
CA GLU E 83 -18.93 31.58 -0.51
C GLU E 83 -17.85 31.05 -1.46
N GLU E 84 -17.08 30.07 -1.00
CA GLU E 84 -16.01 29.49 -1.79
C GLU E 84 -16.54 28.60 -2.92
N GLU E 85 -17.64 27.89 -2.65
CA GLU E 85 -18.27 27.01 -3.63
C GLU E 85 -18.87 27.82 -4.77
N ILE E 86 -19.47 28.94 -4.42
CA ILE E 86 -20.02 29.86 -5.41
C ILE E 86 -18.92 30.44 -6.30
N ARG E 87 -17.76 30.74 -5.71
CA ARG E 87 -16.60 31.19 -6.48
C ARG E 87 -16.08 30.08 -7.41
N GLU E 88 -16.04 28.85 -6.91
CA GLU E 88 -15.68 27.72 -7.75
C GLU E 88 -16.64 27.55 -8.92
N ALA E 89 -17.93 27.59 -8.63
CA ALA E 89 -18.99 27.43 -9.62
C ALA E 89 -18.83 28.47 -10.72
N PHE E 90 -18.47 29.67 -10.32
CA PHE E 90 -18.12 30.69 -11.28
C PHE E 90 -17.00 30.25 -12.26
N ARG E 91 -15.92 29.69 -11.70
CA ARG E 91 -14.75 29.34 -12.49
C ARG E 91 -15.03 28.19 -13.44
N VAL E 92 -16.17 27.55 -13.25
CA VAL E 92 -16.61 26.49 -14.13
C VAL E 92 -17.01 27.11 -15.47
N PHE E 93 -17.50 28.35 -15.39
CA PHE E 93 -17.88 29.11 -16.58
C PHE E 93 -16.66 29.85 -17.14
N ASP E 94 -16.04 30.66 -16.28
CA ASP E 94 -14.86 31.44 -16.61
C ASP E 94 -13.58 30.59 -16.59
N LYS E 95 -13.52 29.60 -17.47
CA LYS E 95 -12.41 28.66 -17.50
C LYS E 95 -11.07 29.36 -17.52
N ASP E 96 -10.89 30.28 -18.48
CA ASP E 96 -9.59 30.91 -18.69
C ASP E 96 -9.13 31.73 -17.48
N GLY E 97 -10.08 32.19 -16.67
CA GLY E 97 -9.76 32.78 -15.39
C GLY E 97 -9.58 34.29 -15.36
N ASN E 98 -9.84 34.96 -16.47
CA ASN E 98 -9.71 36.42 -16.55
C ASN E 98 -10.64 37.17 -15.58
N GLY E 99 -11.67 36.49 -15.12
CA GLY E 99 -12.64 37.08 -14.21
C GLY E 99 -13.92 37.51 -14.90
N PHE E 100 -14.07 37.10 -16.16
CA PHE E 100 -15.28 37.39 -16.93
C PHE E 100 -15.78 36.15 -17.67
N ILE E 101 -17.09 35.95 -17.65
CA ILE E 101 -17.71 34.94 -18.49
C ILE E 101 -18.11 35.60 -19.81
N SER E 102 -17.65 35.04 -20.92
CA SER E 102 -17.98 35.63 -22.21
C SER E 102 -19.02 34.75 -22.90
N ALA E 103 -19.62 35.26 -23.97
CA ALA E 103 -20.61 34.49 -24.73
C ALA E 103 -19.97 33.21 -25.27
N ALA E 104 -18.66 33.22 -25.44
CA ALA E 104 -17.93 32.03 -25.83
C ALA E 104 -17.85 31.04 -24.67
N GLU E 105 -17.46 31.53 -23.50
CA GLU E 105 -17.36 30.68 -22.32
C GLU E 105 -18.73 30.15 -21.88
N LEU E 106 -19.76 30.99 -21.99
CA LEU E 106 -21.10 30.55 -21.68
C LEU E 106 -21.52 29.42 -22.60
N ARG E 107 -21.23 29.57 -23.89
CA ARG E 107 -21.64 28.56 -24.87
C ARG E 107 -21.04 27.19 -24.58
N HIS E 108 -19.82 27.18 -24.07
CA HIS E 108 -19.13 25.92 -23.82
C HIS E 108 -19.79 25.12 -22.68
N VAL E 109 -20.22 25.81 -21.63
CA VAL E 109 -20.96 25.15 -20.58
C VAL E 109 -22.29 24.63 -21.10
N MET E 110 -23.05 25.50 -21.75
CA MET E 110 -24.35 25.11 -22.29
C MET E 110 -24.23 23.87 -23.17
N THR E 111 -23.22 23.85 -24.04
CA THR E 111 -23.03 22.70 -24.92
C THR E 111 -22.77 21.44 -24.10
N ASN E 112 -21.94 21.58 -23.07
CA ASN E 112 -21.60 20.44 -22.24
C ASN E 112 -22.78 19.89 -21.43
N LEU E 113 -23.75 20.75 -21.16
CA LEU E 113 -24.92 20.32 -20.41
C LEU E 113 -26.05 19.93 -21.34
N GLY E 114 -25.77 19.92 -22.65
CA GLY E 114 -26.75 19.49 -23.62
C GLY E 114 -27.86 20.50 -23.82
N GLU E 115 -27.55 21.77 -23.58
CA GLU E 115 -28.50 22.84 -23.83
C GLU E 115 -28.42 23.26 -25.30
N LYS E 116 -29.55 23.24 -25.99
CA LYS E 116 -29.58 23.62 -27.41
C LYS E 116 -30.01 25.06 -27.60
N LEU E 117 -29.15 25.88 -28.20
CA LEU E 117 -29.49 27.28 -28.46
C LEU E 117 -28.58 27.98 -29.47
N THR E 118 -29.02 29.13 -29.93
CA THR E 118 -28.36 29.86 -31.01
C THR E 118 -27.42 30.92 -30.45
N ASP E 119 -26.43 31.28 -31.26
CA ASP E 119 -25.52 32.37 -30.91
C ASP E 119 -26.31 33.59 -30.42
N GLU E 120 -27.45 33.86 -31.05
CA GLU E 120 -28.31 34.96 -30.60
C GLU E 120 -28.81 34.75 -29.17
N GLU E 121 -29.40 33.59 -28.91
CA GLU E 121 -29.86 33.25 -27.56
C GLU E 121 -28.73 33.32 -26.52
N VAL E 122 -27.53 32.88 -26.89
CA VAL E 122 -26.39 33.03 -26.00
C VAL E 122 -26.17 34.52 -25.68
N ASP E 123 -26.04 35.33 -26.73
CA ASP E 123 -25.94 36.78 -26.57
C ASP E 123 -27.05 37.36 -25.70
N GLU E 124 -28.28 36.90 -25.88
CA GLU E 124 -29.39 37.39 -25.07
C GLU E 124 -29.17 37.07 -23.58
N MET E 125 -28.66 35.88 -23.30
CA MET E 125 -28.28 35.56 -21.92
C MET E 125 -27.18 36.49 -21.41
N ILE E 126 -26.14 36.70 -22.21
CA ILE E 126 -25.07 37.60 -21.80
C ILE E 126 -25.60 39.01 -21.54
N ARG E 127 -26.30 39.59 -22.52
CA ARG E 127 -26.90 40.93 -22.36
C ARG E 127 -27.69 41.03 -21.07
N GLU E 128 -28.50 40.00 -20.80
CA GLU E 128 -29.46 40.03 -19.71
C GLU E 128 -28.82 40.16 -18.32
N ALA E 129 -27.69 39.48 -18.11
CA ALA E 129 -27.03 39.48 -16.81
C ALA E 129 -25.93 40.53 -16.75
N ASP E 130 -25.47 40.97 -17.92
CA ASP E 130 -24.40 41.95 -17.99
C ASP E 130 -24.87 43.36 -17.62
N ILE E 131 -25.06 43.58 -16.32
CA ILE E 131 -25.60 44.84 -15.80
C ILE E 131 -24.77 46.04 -16.22
N ASP E 132 -23.45 45.89 -16.12
CA ASP E 132 -22.54 47.01 -16.30
C ASP E 132 -22.19 47.30 -17.77
N GLY E 133 -22.80 46.54 -18.67
CA GLY E 133 -22.68 46.81 -20.10
C GLY E 133 -21.30 46.66 -20.74
N ASP E 134 -20.42 45.90 -20.11
CA ASP E 134 -19.10 45.63 -20.67
C ASP E 134 -19.12 44.43 -21.63
N GLY E 135 -20.31 43.88 -21.85
CA GLY E 135 -20.50 42.77 -22.77
C GLY E 135 -20.03 41.44 -22.22
N GLN E 136 -19.61 41.46 -20.96
CA GLN E 136 -19.05 40.30 -20.30
C GLN E 136 -19.77 40.12 -18.97
N VAL E 137 -19.60 38.96 -18.33
CA VAL E 137 -20.25 38.72 -17.05
C VAL E 137 -19.23 38.52 -15.94
N ASN E 138 -19.11 39.50 -15.06
CA ASN E 138 -18.22 39.39 -13.93
C ASN E 138 -18.86 38.67 -12.74
N TYR E 139 -18.03 38.16 -11.84
CA TYR E 139 -18.49 37.41 -10.69
C TYR E 139 -19.65 38.08 -10.00
N GLU E 140 -19.63 39.40 -9.95
CA GLU E 140 -20.65 40.15 -9.20
C GLU E 140 -22.05 40.03 -9.81
N GLU E 141 -22.19 40.27 -11.11
CA GLU E 141 -23.50 40.18 -11.75
C GLU E 141 -23.91 38.72 -12.08
N PHE E 142 -22.93 37.82 -12.00
CA PHE E 142 -23.19 36.39 -12.03
C PHE E 142 -23.90 35.98 -10.74
N VAL E 143 -23.49 36.57 -9.62
CA VAL E 143 -24.10 36.25 -8.34
C VAL E 143 -25.49 36.89 -8.19
N THR E 144 -25.67 38.07 -8.78
CA THR E 144 -26.99 38.72 -8.80
C THR E 144 -27.98 37.87 -9.61
N MET E 145 -27.53 37.37 -10.75
CA MET E 145 -28.35 36.50 -11.59
C MET E 145 -28.75 35.26 -10.83
N MET E 146 -27.77 34.62 -10.19
CA MET E 146 -27.99 33.36 -9.52
C MET E 146 -28.96 33.47 -8.35
N THR E 147 -28.92 34.62 -7.67
CA THR E 147 -29.77 34.83 -6.49
C THR E 147 -31.02 35.67 -6.82
N SER E 148 -31.35 35.78 -8.11
CA SER E 148 -32.58 36.45 -8.50
C SER E 148 -33.79 35.55 -8.19
N GLN F 4 12.85 19.08 20.57
CA GLN F 4 12.96 19.62 21.92
C GLN F 4 11.66 19.52 22.73
N LEU F 5 11.59 18.45 23.51
CA LEU F 5 10.42 18.09 24.28
C LEU F 5 10.83 18.01 25.75
N THR F 6 9.93 17.60 26.64
CA THR F 6 10.30 17.44 28.04
C THR F 6 11.34 16.34 28.17
N GLU F 7 11.86 16.15 29.38
CA GLU F 7 12.82 15.10 29.63
C GLU F 7 12.08 13.77 29.76
N GLU F 8 10.94 13.77 30.45
CA GLU F 8 10.14 12.56 30.60
C GLU F 8 9.80 11.97 29.24
N GLN F 9 9.30 12.84 28.36
CA GLN F 9 8.92 12.45 27.01
C GLN F 9 10.09 11.84 26.25
N ILE F 10 11.18 12.58 26.13
CA ILE F 10 12.37 12.08 25.48
C ILE F 10 12.77 10.70 26.03
N ALA F 11 12.71 10.54 27.35
CA ALA F 11 13.10 9.28 27.96
C ALA F 11 12.06 8.19 27.73
N GLU F 12 10.81 8.60 27.53
CA GLU F 12 9.76 7.67 27.15
C GLU F 12 9.91 7.24 25.68
N PHE F 13 10.29 8.17 24.82
CA PHE F 13 10.46 7.84 23.40
C PHE F 13 11.68 6.93 23.21
N LYS F 14 12.74 7.22 23.97
CA LYS F 14 13.95 6.39 23.98
C LYS F 14 13.54 4.97 24.32
N GLU F 15 12.66 4.82 25.30
CA GLU F 15 12.21 3.49 25.69
C GLU F 15 11.62 2.76 24.49
N ALA F 16 10.64 3.37 23.85
CA ALA F 16 10.00 2.77 22.68
C ALA F 16 10.98 2.58 21.53
N PHE F 17 11.59 3.67 21.06
CA PHE F 17 12.65 3.63 20.06
C PHE F 17 13.57 2.43 20.31
N SER F 18 13.91 2.23 21.58
CA SER F 18 14.78 1.14 22.03
C SER F 18 14.37 -0.27 21.56
N LEU F 19 13.07 -0.51 21.46
CA LEU F 19 12.57 -1.85 21.11
C LEU F 19 12.92 -2.26 19.69
N PHE F 20 12.98 -1.28 18.79
CA PHE F 20 13.15 -1.57 17.38
C PHE F 20 14.60 -1.36 16.93
N ASP F 21 15.35 -0.58 17.70
CA ASP F 21 16.79 -0.39 17.48
C ASP F 21 17.57 -1.51 18.17
N LYS F 22 17.44 -2.72 17.63
CA LYS F 22 18.00 -3.93 18.25
C LYS F 22 19.51 -3.89 18.47
N ASP F 23 20.23 -3.12 17.66
CA ASP F 23 21.69 -3.08 17.72
C ASP F 23 22.22 -1.86 18.47
N GLY F 24 21.31 -0.98 18.88
CA GLY F 24 21.67 0.14 19.72
C GLY F 24 22.55 1.22 19.12
N ASP F 25 22.46 1.43 17.81
CA ASP F 25 23.21 2.53 17.19
C ASP F 25 22.40 3.81 17.06
N GLY F 26 21.25 3.84 17.70
CA GLY F 26 20.38 5.02 17.68
C GLY F 26 19.73 5.20 16.32
N THR F 27 19.69 4.13 15.54
CA THR F 27 19.12 4.21 14.19
C THR F 27 18.12 3.09 13.94
N ILE F 28 16.95 3.46 13.41
CA ILE F 28 15.96 2.46 13.00
C ILE F 28 15.70 2.57 11.51
N THR F 29 14.92 1.63 10.97
CA THR F 29 14.56 1.67 9.56
C THR F 29 13.44 2.65 9.29
N THR F 30 13.48 3.23 8.11
CA THR F 30 12.40 4.04 7.55
C THR F 30 11.01 3.47 7.85
N LYS F 31 10.80 2.19 7.55
CA LYS F 31 9.53 1.56 7.85
C LYS F 31 9.17 1.72 9.33
N GLU F 32 10.11 1.38 10.21
CA GLU F 32 9.83 1.43 11.65
C GLU F 32 9.48 2.82 12.20
N LEU F 33 9.81 3.88 11.48
CA LEU F 33 9.40 5.21 11.93
C LEU F 33 7.91 5.27 12.29
N GLY F 34 7.06 4.72 11.43
CA GLY F 34 5.63 4.69 11.68
C GLY F 34 5.25 3.76 12.82
N THR F 35 5.80 2.55 12.80
CA THR F 35 5.57 1.58 13.85
C THR F 35 5.80 2.15 15.25
N VAL F 36 6.86 2.95 15.40
CA VAL F 36 7.17 3.50 16.72
C VAL F 36 6.28 4.70 17.01
N MET F 37 6.17 5.59 16.03
CA MET F 37 5.31 6.77 16.15
C MET F 37 3.91 6.35 16.60
N ARG F 38 3.47 5.20 16.12
CA ARG F 38 2.18 4.64 16.50
C ARG F 38 2.16 3.99 17.88
N SER F 39 3.25 3.30 18.23
CA SER F 39 3.39 2.76 19.58
C SER F 39 3.25 3.87 20.63
N LEU F 40 3.71 5.07 20.28
CA LEU F 40 3.63 6.23 21.17
C LEU F 40 2.28 6.94 21.11
N GLY F 41 1.35 6.38 20.34
CA GLY F 41 0.01 6.94 20.25
C GLY F 41 -0.12 8.13 19.30
N GLN F 42 0.73 8.21 18.29
CA GLN F 42 0.54 9.19 17.22
C GLN F 42 -0.14 8.48 16.04
N ASN F 43 -0.91 9.23 15.25
CA ASN F 43 -1.73 8.61 14.22
C ASN F 43 -1.58 9.29 12.85
N PRO F 44 -0.37 9.26 12.29
CA PRO F 44 -0.17 9.89 10.99
C PRO F 44 -0.94 9.11 9.94
N THR F 45 -1.05 9.69 8.76
CA THR F 45 -1.66 9.00 7.65
C THR F 45 -0.53 8.35 6.90
N GLU F 46 -0.86 7.42 6.01
CA GLU F 46 0.17 6.88 5.14
C GLU F 46 0.95 7.99 4.41
N ALA F 47 0.24 9.01 3.91
CA ALA F 47 0.88 10.10 3.17
C ALA F 47 1.76 10.99 4.07
N GLU F 48 1.27 11.28 5.27
CA GLU F 48 2.08 11.99 6.25
C GLU F 48 3.40 11.26 6.53
N LEU F 49 3.31 9.94 6.68
CA LEU F 49 4.52 9.13 6.80
C LEU F 49 5.46 9.33 5.59
N GLN F 50 4.96 9.13 4.36
CA GLN F 50 5.82 9.29 3.19
C GLN F 50 6.46 10.67 3.12
N ASP F 51 5.75 11.68 3.60
CA ASP F 51 6.28 13.03 3.56
C ASP F 51 7.47 13.11 4.50
N MET F 52 7.28 12.61 5.73
CA MET F 52 8.35 12.54 6.72
C MET F 52 9.51 11.73 6.19
N ILE F 53 9.20 10.54 5.68
CA ILE F 53 10.25 9.68 5.15
C ILE F 53 11.02 10.37 4.00
N ASN F 54 10.29 10.87 3.00
CA ASN F 54 10.92 11.51 1.85
C ASN F 54 11.82 12.65 2.24
N GLU F 55 11.50 13.30 3.36
CA GLU F 55 12.25 14.47 3.79
C GLU F 55 13.53 14.10 4.52
N VAL F 56 13.53 12.94 5.17
CA VAL F 56 14.71 12.49 5.89
C VAL F 56 15.53 11.49 5.07
N ASP F 57 14.96 10.97 3.98
CA ASP F 57 15.62 9.91 3.24
C ASP F 57 16.12 10.34 1.87
N ALA F 58 16.74 11.50 1.81
CA ALA F 58 17.32 11.96 0.56
C ALA F 58 18.44 11.03 0.07
N ASP F 59 19.20 10.42 0.97
CA ASP F 59 20.34 9.58 0.58
C ASP F 59 19.99 8.14 0.18
N GLY F 60 18.77 7.70 0.51
CA GLY F 60 18.29 6.39 0.12
C GLY F 60 18.78 5.27 1.03
N ASN F 61 19.22 5.63 2.23
CA ASN F 61 19.73 4.66 3.19
C ASN F 61 18.62 3.98 4.00
N GLY F 62 17.43 4.57 4.00
CA GLY F 62 16.32 4.03 4.77
C GLY F 62 16.56 3.99 6.27
N THR F 63 17.28 5.00 6.78
CA THR F 63 17.59 5.08 8.20
C THR F 63 16.95 6.28 8.91
N ILE F 64 16.66 6.12 10.19
CA ILE F 64 16.20 7.20 11.04
C ILE F 64 16.94 7.09 12.37
N ASP F 65 17.53 8.18 12.83
CA ASP F 65 18.18 8.16 14.14
C ASP F 65 17.32 8.88 15.19
N PHE F 66 17.59 8.62 16.46
CA PHE F 66 16.82 9.24 17.53
C PHE F 66 16.62 10.75 17.35
N PRO F 67 17.66 11.49 16.96
CA PRO F 67 17.50 12.93 16.68
C PRO F 67 16.41 13.25 15.66
N GLU F 68 16.52 12.72 14.45
CA GLU F 68 15.51 12.93 13.41
C GLU F 68 14.12 12.54 13.89
N PHE F 69 14.06 11.45 14.64
CA PHE F 69 12.80 10.90 15.12
C PHE F 69 12.16 11.78 16.17
N LEU F 70 13.00 12.46 16.96
CA LEU F 70 12.48 13.39 17.95
C LEU F 70 11.83 14.56 17.26
N THR F 71 12.51 15.10 16.25
CA THR F 71 11.94 16.20 15.50
C THR F 71 10.57 15.81 14.92
N MET F 72 10.45 14.56 14.46
CA MET F 72 9.22 14.09 13.82
C MET F 72 8.05 13.98 14.79
N MET F 73 8.31 13.45 15.98
CA MET F 73 7.28 13.37 17.02
C MET F 73 6.88 14.76 17.46
N ALA F 74 7.87 15.63 17.65
CA ALA F 74 7.62 16.98 18.15
C ALA F 74 6.71 17.75 17.20
N ARG F 75 6.92 17.54 15.91
CA ARG F 75 6.14 18.21 14.87
C ARG F 75 4.76 17.58 14.73
N LYS F 76 4.70 16.26 14.87
CA LYS F 76 3.44 15.55 14.82
C LYS F 76 2.55 15.92 15.98
N MET F 77 3.14 16.12 17.16
CA MET F 77 2.35 16.47 18.34
C MET F 77 1.77 17.89 18.24
N LYS F 78 2.47 18.78 17.53
CA LYS F 78 2.01 20.16 17.40
C LYS F 78 0.80 20.27 16.48
N ASP F 79 0.59 19.26 15.63
CA ASP F 79 -0.56 19.26 14.74
C ASP F 79 -1.27 17.92 14.70
N THR F 80 -1.95 17.57 15.80
CA THR F 80 -2.75 16.36 15.89
C THR F 80 -4.24 16.68 15.96
N ASP F 81 -5.07 15.72 15.56
CA ASP F 81 -6.51 15.90 15.63
C ASP F 81 -6.99 15.53 17.02
N SER F 82 -7.96 16.30 17.52
CA SER F 82 -8.52 16.04 18.84
C SER F 82 -9.30 14.73 18.83
N GLU F 83 -9.60 14.22 20.02
CA GLU F 83 -10.42 13.01 20.11
C GLU F 83 -11.81 13.29 19.56
N GLU F 84 -12.36 14.46 19.88
CA GLU F 84 -13.68 14.83 19.37
C GLU F 84 -13.70 14.73 17.84
N GLU F 85 -12.68 15.30 17.21
CA GLU F 85 -12.52 15.27 15.76
C GLU F 85 -12.52 13.87 15.18
N ILE F 86 -12.28 12.86 16.02
CA ILE F 86 -12.29 11.47 15.55
C ILE F 86 -13.68 10.88 15.80
N ARG F 87 -14.38 11.38 16.82
CA ARG F 87 -15.78 11.02 17.02
C ARG F 87 -16.53 11.55 15.79
N GLU F 88 -16.28 12.80 15.45
CA GLU F 88 -16.86 13.44 14.28
C GLU F 88 -16.66 12.65 12.99
N ALA F 89 -15.47 12.09 12.80
CA ALA F 89 -15.17 11.36 11.56
C ALA F 89 -15.97 10.06 11.41
N PHE F 90 -16.21 9.36 12.52
CA PHE F 90 -17.09 8.20 12.46
C PHE F 90 -18.54 8.66 12.25
N ARG F 91 -18.90 9.77 12.91
CA ARG F 91 -20.25 10.33 12.85
C ARG F 91 -20.68 10.61 11.40
N VAL F 92 -19.72 10.88 10.52
CA VAL F 92 -20.01 11.09 9.11
C VAL F 92 -20.65 9.86 8.51
N PHE F 93 -20.31 8.69 9.04
CA PHE F 93 -20.84 7.45 8.49
C PHE F 93 -22.02 6.83 9.26
N ASP F 94 -22.50 7.55 10.28
CA ASP F 94 -23.65 7.14 11.07
C ASP F 94 -24.93 7.74 10.49
N LYS F 95 -25.53 7.04 9.54
CA LYS F 95 -26.72 7.51 8.82
C LYS F 95 -27.88 7.99 9.69
N ASP F 96 -28.26 7.18 10.68
CA ASP F 96 -29.39 7.50 11.53
C ASP F 96 -29.00 8.22 12.84
N GLY F 97 -27.78 8.73 12.89
CA GLY F 97 -27.31 9.53 14.02
C GLY F 97 -27.47 8.93 15.41
N ASN F 98 -27.57 7.60 15.50
CA ASN F 98 -27.87 6.93 16.77
C ASN F 98 -26.65 6.47 17.58
N GLY F 99 -25.46 6.68 17.04
CA GLY F 99 -24.23 6.28 17.69
C GLY F 99 -23.79 4.88 17.31
N PHE F 100 -24.38 4.34 16.23
CA PHE F 100 -24.09 2.99 15.79
C PHE F 100 -23.91 2.89 14.30
N ILE F 101 -22.81 2.29 13.86
CA ILE F 101 -22.62 1.99 12.45
C ILE F 101 -22.48 0.50 12.26
N SER F 102 -22.85 0.05 11.07
CA SER F 102 -22.84 -1.36 10.73
C SER F 102 -21.43 -1.84 10.39
N ALA F 103 -21.00 -2.90 11.06
CA ALA F 103 -19.74 -3.57 10.77
C ALA F 103 -19.50 -3.75 9.26
N ALA F 104 -20.56 -4.07 8.51
CA ALA F 104 -20.43 -4.28 7.07
C ALA F 104 -20.18 -2.99 6.30
N GLU F 105 -20.82 -1.92 6.75
CA GLU F 105 -20.65 -0.60 6.14
C GLU F 105 -19.23 -0.10 6.40
N LEU F 106 -18.76 -0.32 7.63
CA LEU F 106 -17.41 0.06 8.03
C LEU F 106 -16.35 -0.60 7.16
N ARG F 107 -16.41 -1.93 7.06
CA ARG F 107 -15.55 -2.66 6.16
C ARG F 107 -15.65 -2.05 4.76
N HIS F 108 -16.87 -1.87 4.27
CA HIS F 108 -17.03 -1.40 2.88
C HIS F 108 -16.39 -0.03 2.60
N VAL F 109 -16.70 0.96 3.44
CA VAL F 109 -16.09 2.28 3.29
C VAL F 109 -14.56 2.21 3.35
N MET F 110 -14.04 1.48 4.34
CA MET F 110 -12.61 1.55 4.66
C MET F 110 -11.74 0.67 3.81
N THR F 111 -12.34 -0.22 3.04
CA THR F 111 -11.54 -1.00 2.10
C THR F 111 -11.67 -0.44 0.69
N ASN F 112 -12.49 0.60 0.53
CA ASN F 112 -12.79 1.16 -0.79
C ASN F 112 -12.45 2.63 -0.94
N LEU F 113 -12.44 3.37 0.15
CA LEU F 113 -12.13 4.79 0.13
C LEU F 113 -10.90 5.12 0.93
N GLY F 114 -10.36 6.31 0.69
CA GLY F 114 -9.18 6.83 1.36
C GLY F 114 -7.99 5.95 1.20
N GLU F 115 -7.30 5.67 2.30
CA GLU F 115 -6.17 4.81 2.21
C GLU F 115 -6.80 3.53 2.60
N LYS F 116 -6.93 2.63 1.64
CA LYS F 116 -7.61 1.38 1.89
C LYS F 116 -6.93 0.49 2.88
N LEU F 117 -7.74 -0.14 3.70
CA LEU F 117 -7.27 -1.05 4.71
C LEU F 117 -7.49 -2.43 4.17
N THR F 118 -6.73 -3.39 4.65
CA THR F 118 -6.94 -4.76 4.19
C THR F 118 -8.16 -5.34 4.90
N ASP F 119 -8.73 -6.38 4.32
CA ASP F 119 -9.79 -7.12 5.00
C ASP F 119 -9.38 -7.67 6.37
N GLU F 120 -8.16 -8.17 6.50
CA GLU F 120 -7.75 -8.78 7.77
C GLU F 120 -7.54 -7.73 8.84
N GLU F 121 -7.10 -6.55 8.44
CA GLU F 121 -6.96 -5.46 9.40
C GLU F 121 -8.35 -5.17 9.96
N VAL F 122 -9.35 -5.34 9.11
CA VAL F 122 -10.73 -5.00 9.44
C VAL F 122 -11.36 -6.16 10.19
N ASP F 123 -11.07 -7.39 9.79
CA ASP F 123 -11.41 -8.56 10.60
C ASP F 123 -11.07 -8.29 12.06
N GLU F 124 -9.90 -7.72 12.28
CA GLU F 124 -9.38 -7.50 13.62
C GLU F 124 -10.09 -6.35 14.30
N MET F 125 -10.08 -5.19 13.65
CA MET F 125 -10.85 -4.03 14.09
C MET F 125 -12.20 -4.46 14.64
N ILE F 126 -12.88 -5.30 13.85
CA ILE F 126 -14.28 -5.66 14.09
C ILE F 126 -14.47 -6.49 15.34
N ARG F 127 -13.59 -7.47 15.53
CA ARG F 127 -13.63 -8.35 16.67
C ARG F 127 -13.50 -7.61 18.00
N GLU F 128 -12.83 -6.47 18.00
CA GLU F 128 -12.69 -5.68 19.23
C GLU F 128 -13.73 -4.56 19.35
N ALA F 129 -14.61 -4.44 18.35
CA ALA F 129 -15.53 -3.31 18.28
C ALA F 129 -16.99 -3.77 18.28
N ASP F 130 -17.17 -5.05 17.96
CA ASP F 130 -18.48 -5.67 17.98
C ASP F 130 -18.40 -6.85 18.93
N ILE F 131 -18.20 -6.54 20.22
CA ILE F 131 -18.01 -7.58 21.24
C ILE F 131 -19.23 -8.47 21.43
N ASP F 132 -20.42 -7.95 21.11
CA ASP F 132 -21.65 -8.70 21.27
C ASP F 132 -22.12 -9.37 19.98
N GLY F 133 -21.35 -9.20 18.91
CA GLY F 133 -21.67 -9.81 17.63
C GLY F 133 -22.95 -9.34 16.96
N ASP F 134 -23.50 -8.22 17.42
CA ASP F 134 -24.75 -7.70 16.85
C ASP F 134 -24.61 -7.20 15.41
N GLY F 135 -23.38 -7.12 14.91
CA GLY F 135 -23.11 -6.61 13.58
C GLY F 135 -23.08 -5.10 13.53
N GLN F 136 -23.04 -4.49 14.71
CA GLN F 136 -23.05 -3.04 14.87
C GLN F 136 -21.85 -2.59 15.67
N VAL F 137 -21.46 -1.34 15.48
CA VAL F 137 -20.36 -0.78 16.24
C VAL F 137 -20.77 0.49 16.97
N ASN F 138 -20.44 0.54 18.26
CA ASN F 138 -20.65 1.75 19.03
C ASN F 138 -19.43 2.65 18.90
N TYR F 139 -19.41 3.48 17.86
CA TYR F 139 -18.21 4.25 17.54
C TYR F 139 -17.78 5.22 18.63
N GLU F 140 -18.69 5.55 19.55
CA GLU F 140 -18.30 6.36 20.69
C GLU F 140 -17.43 5.53 21.64
N GLU F 141 -17.94 4.39 22.08
CA GLU F 141 -17.19 3.53 22.99
C GLU F 141 -15.85 3.16 22.38
N PHE F 142 -15.86 2.83 21.10
CA PHE F 142 -14.68 2.32 20.40
C PHE F 142 -13.56 3.34 20.25
N VAL F 143 -13.88 4.54 19.82
CA VAL F 143 -12.89 5.60 19.73
C VAL F 143 -12.27 5.84 21.10
N THR F 144 -13.09 5.79 22.14
CA THR F 144 -12.60 6.01 23.49
C THR F 144 -11.60 4.92 23.87
N MET F 145 -11.90 3.69 23.47
CA MET F 145 -11.00 2.57 23.72
C MET F 145 -9.71 2.70 22.90
N MET F 146 -9.85 3.09 21.64
CA MET F 146 -8.69 3.33 20.80
C MET F 146 -7.79 4.45 21.33
N THR F 147 -8.25 5.15 22.36
CA THR F 147 -7.45 6.24 22.92
C THR F 147 -7.23 6.04 24.42
N SER F 148 -6.55 4.94 24.77
CA SER F 148 -6.33 4.60 26.17
C SER F 148 -4.91 4.07 26.40
#